data_4YVP
#
_entry.id   4YVP
#
_cell.length_a   49.545
_cell.length_b   76.168
_cell.length_c   88.706
_cell.angle_alpha   90.00
_cell.angle_beta   94.88
_cell.angle_gamma   90.00
#
_symmetry.space_group_name_H-M   'P 1 21 1'
#
loop_
_entity.id
_entity.type
_entity.pdbx_description
1 polymer 'Aldo-keto reductase family 1 member C1'
2 non-polymer 'NADP NICOTINAMIDE-ADENINE-DINUCLEOTIDE PHOSPHATE'
3 non-polymer 5-chloro-N-(2-{4-[(cyclohexylcarbamoyl)sulfamoyl]phenyl}ethyl)-2-methoxybenzamide
4 water water
#
_entity_poly.entity_id   1
_entity_poly.type   'polypeptide(L)'
_entity_poly.pdbx_seq_one_letter_code
;MDSKYQCVKLNDGHFMPVLGFGTYAPAEVPKSKALEATKLAIEAGFRHIDSAHLYNNEEQVGLAIRSKIADGSVKREDIF
YTSKLWCNSHRPELVRPALERSLKNLQLDYVDLYLIHFPVSVKPGEEVIPKDENGKILFDTVDLCATWEAVEKCKDAGLA
KSIGVSNFNRRQLEMILNKPGLKYKPVCNQVECHPYFNQRKLLDFCKSKDIVLVAYSALGSHREEPWVDPNSPVLLEDPV
LCALAKKHKRTPALIALRYQLQRGVVVLAKSYNEQRIRQNVQVFEFQLTSEEMKAIDGLNRNVRYLTLDIFAGPPNYPFS
DEY
;
_entity_poly.pdbx_strand_id   A,B
#
loop_
_chem_comp.id
_chem_comp.type
_chem_comp.name
_chem_comp.formula
GBM non-polymer 5-chloro-N-(2-{4-[(cyclohexylcarbamoyl)sulfamoyl]phenyl}ethyl)-2-methoxybenzamide 'C23 H28 Cl N3 O5 S'
NAP non-polymer 'NADP NICOTINAMIDE-ADENINE-DINUCLEOTIDE PHOSPHATE' 'C21 H28 N7 O17 P3'
#
# COMPACT_ATOMS: atom_id res chain seq x y z
N GLN A 6 -0.63 30.12 -4.29
CA GLN A 6 -1.94 29.60 -3.85
C GLN A 6 -1.80 28.61 -2.68
N CYS A 7 -0.63 28.41 -2.08
CA CYS A 7 -0.48 27.31 -1.08
C CYS A 7 -0.05 27.71 0.33
N VAL A 8 -0.35 26.81 1.26
CA VAL A 8 0.03 26.93 2.65
C VAL A 8 0.83 25.67 2.96
N LYS A 9 1.93 25.86 3.68
CA LYS A 9 2.77 24.77 4.10
C LYS A 9 2.09 24.05 5.22
N LEU A 10 1.98 22.73 5.10
CA LEU A 10 1.41 21.88 6.15
C LEU A 10 2.47 21.45 7.15
N ASN A 11 2.05 21.09 8.36
CA ASN A 11 3.01 20.73 9.42
C ASN A 11 3.85 19.44 9.16
N ASP A 12 3.46 18.68 8.12
CA ASP A 12 4.21 17.50 7.67
C ASP A 12 5.09 17.85 6.49
N GLY A 13 5.17 19.14 6.15
CA GLY A 13 6.08 19.64 5.16
C GLY A 13 5.49 19.76 3.79
N HIS A 14 4.33 19.14 3.54
CA HIS A 14 3.61 19.25 2.24
C HIS A 14 2.82 20.55 2.09
N PHE A 15 2.46 20.90 0.85
CA PHE A 15 1.76 22.14 0.54
C PHE A 15 0.32 21.88 0.09
N MET A 16 -0.60 22.69 0.61
CA MET A 16 -2.05 22.62 0.33
C MET A 16 -2.48 23.93 -0.28
N PRO A 17 -2.98 23.91 -1.52
CA PRO A 17 -3.57 25.13 -2.09
C PRO A 17 -4.70 25.78 -1.24
N VAL A 18 -4.71 27.11 -1.16
CA VAL A 18 -5.61 27.87 -0.24
C VAL A 18 -7.06 27.95 -0.67
N LEU A 19 -7.31 27.67 -1.95
CA LEU A 19 -8.64 27.59 -2.47
C LEU A 19 -8.89 26.19 -3.04
N GLY A 20 -9.93 25.53 -2.50
CA GLY A 20 -10.35 24.20 -2.93
C GLY A 20 -11.76 24.10 -3.51
N PHE A 21 -11.95 23.10 -4.37
CA PHE A 21 -13.22 22.92 -5.05
C PHE A 21 -14.10 21.92 -4.33
N GLY A 22 -15.29 22.35 -3.92
CA GLY A 22 -16.28 21.46 -3.31
C GLY A 22 -16.97 20.57 -4.34
N THR A 23 -16.93 19.25 -4.13
CA THR A 23 -17.54 18.31 -5.09
C THR A 23 -18.91 17.74 -4.64
N TYR A 24 -19.38 18.06 -3.44
CA TYR A 24 -20.65 17.52 -3.03
C TYR A 24 -21.78 18.29 -3.71
N ALA A 25 -22.76 17.53 -4.22
CA ALA A 25 -24.05 18.07 -4.59
C ALA A 25 -25.09 17.04 -4.18
N PRO A 26 -26.22 17.49 -3.64
CA PRO A 26 -27.32 16.55 -3.36
C PRO A 26 -27.64 15.58 -4.52
N ALA A 27 -28.09 14.36 -4.18
CA ALA A 27 -28.29 13.31 -5.19
C ALA A 27 -29.37 13.58 -6.27
N GLU A 28 -30.26 14.52 -6.01
CA GLU A 28 -31.16 15.02 -7.06
C GLU A 28 -30.39 15.52 -8.31
N VAL A 29 -29.15 16.00 -8.10
CA VAL A 29 -28.25 16.41 -9.18
C VAL A 29 -27.51 15.19 -9.73
N PRO A 30 -27.71 14.86 -11.01
CA PRO A 30 -27.00 13.72 -11.63
C PRO A 30 -25.50 13.74 -11.35
N LYS A 31 -24.92 12.59 -11.06
CA LYS A 31 -23.49 12.47 -10.80
C LYS A 31 -22.62 12.83 -12.01
N SER A 32 -23.15 12.69 -13.22
CA SER A 32 -22.49 13.20 -14.43
C SER A 32 -22.00 14.66 -14.31
N LYS A 33 -22.69 15.46 -13.50
CA LYS A 33 -22.32 16.89 -13.28
C LYS A 33 -21.12 17.00 -12.35
N ALA A 34 -21.00 16.09 -11.40
CA ALA A 34 -19.76 16.00 -10.62
C ALA A 34 -18.53 16.00 -11.52
N LEU A 35 -18.61 15.22 -12.59
CA LEU A 35 -17.50 15.03 -13.52
C LEU A 35 -17.27 16.32 -14.32
N GLU A 36 -18.32 16.79 -14.99
CA GLU A 36 -18.24 18.05 -15.74
C GLU A 36 -17.72 19.17 -14.85
N ALA A 37 -18.33 19.38 -13.69
CA ALA A 37 -17.95 20.48 -12.82
C ALA A 37 -16.47 20.49 -12.42
N THR A 38 -15.93 19.30 -12.10
CA THR A 38 -14.56 19.20 -11.58
C THR A 38 -13.52 19.52 -12.63
N LYS A 39 -13.74 19.01 -13.84
CA LYS A 39 -12.96 19.40 -15.02
C LYS A 39 -12.98 20.93 -15.22
N LEU A 40 -14.18 21.53 -15.18
CA LEU A 40 -14.29 23.00 -15.23
C LEU A 40 -13.54 23.71 -14.10
N ALA A 41 -13.54 23.11 -12.93
CA ALA A 41 -12.81 23.69 -11.81
C ALA A 41 -11.30 23.61 -12.03
N ILE A 42 -10.83 22.48 -12.57
CA ILE A 42 -9.42 22.28 -12.88
C ILE A 42 -9.01 23.26 -13.98
N GLU A 43 -9.82 23.27 -15.04
CA GLU A 43 -9.72 24.26 -16.10
C GLU A 43 -9.75 25.72 -15.61
N ALA A 44 -10.70 26.10 -14.75
CA ALA A 44 -10.77 27.46 -14.21
C ALA A 44 -9.57 27.79 -13.28
N GLY A 45 -8.89 26.76 -12.78
CA GLY A 45 -7.68 26.99 -12.00
C GLY A 45 -7.66 26.43 -10.60
N PHE A 46 -8.75 25.83 -10.14
CA PHE A 46 -8.73 25.09 -8.88
C PHE A 46 -7.71 23.95 -9.00
N ARG A 47 -6.92 23.80 -7.93
CA ARG A 47 -5.90 22.77 -7.84
C ARG A 47 -6.08 21.87 -6.66
N HIS A 48 -7.04 22.20 -5.81
CA HIS A 48 -7.34 21.51 -4.56
C HIS A 48 -8.77 21.06 -4.80
N ILE A 49 -9.00 19.77 -4.69
CA ILE A 49 -10.32 19.18 -4.90
C ILE A 49 -10.71 18.38 -3.66
N ASP A 50 -11.88 18.68 -3.10
CA ASP A 50 -12.34 18.05 -1.87
C ASP A 50 -13.51 17.11 -2.06
N SER A 51 -13.27 15.83 -1.84
CA SER A 51 -14.36 14.86 -1.74
C SER A 51 -14.29 13.96 -0.51
N ALA A 52 -15.06 12.88 -0.58
CA ALA A 52 -15.16 11.90 0.50
C ALA A 52 -15.78 10.64 -0.06
N HIS A 53 -15.64 9.54 0.67
CA HIS A 53 -16.38 8.34 0.30
C HIS A 53 -17.89 8.65 0.36
N LEU A 54 -18.34 9.18 1.50
CA LEU A 54 -19.72 9.59 1.68
C LEU A 54 -20.39 10.28 0.47
N TYR A 55 -19.67 11.10 -0.27
CA TYR A 55 -20.29 11.89 -1.32
C TYR A 55 -20.68 11.03 -2.53
N ASN A 56 -20.26 9.76 -2.51
CA ASN A 56 -20.64 8.82 -3.54
C ASN A 56 -20.34 9.35 -4.96
N ASN A 57 -19.21 10.04 -5.13
CA ASN A 57 -18.80 10.57 -6.43
C ASN A 57 -17.32 10.37 -6.82
N GLU A 58 -16.54 9.61 -6.06
CA GLU A 58 -15.13 9.42 -6.33
C GLU A 58 -14.84 8.75 -7.69
N GLU A 59 -15.81 8.05 -8.24
CA GLU A 59 -15.70 7.58 -9.62
C GLU A 59 -15.67 8.77 -10.61
N GLN A 60 -16.58 9.70 -10.41
CA GLN A 60 -16.72 10.84 -11.30
C GLN A 60 -15.59 11.87 -11.12
N VAL A 61 -15.34 12.24 -9.87
CA VAL A 61 -14.27 13.18 -9.51
C VAL A 61 -12.92 12.62 -9.94
N GLY A 62 -12.73 11.31 -9.76
CA GLY A 62 -11.48 10.65 -10.12
C GLY A 62 -11.28 10.66 -11.62
N LEU A 63 -12.29 10.21 -12.37
CA LEU A 63 -12.30 10.34 -13.82
C LEU A 63 -12.01 11.77 -14.25
N ALA A 64 -12.73 12.73 -13.66
CA ALA A 64 -12.47 14.15 -13.91
C ALA A 64 -10.97 14.49 -13.82
N ILE A 65 -10.36 14.09 -12.72
CA ILE A 65 -8.96 14.39 -12.47
C ILE A 65 -8.10 13.68 -13.50
N ARG A 66 -8.36 12.38 -13.65
CA ARG A 66 -7.63 11.56 -14.65
C ARG A 66 -7.79 12.09 -16.08
N SER A 67 -8.96 12.66 -16.38
CA SER A 67 -9.25 13.26 -17.67
C SER A 67 -8.39 14.50 -17.97
N LYS A 68 -8.26 15.37 -16.96
CA LYS A 68 -7.44 16.58 -17.10
C LYS A 68 -5.94 16.32 -17.10
N ILE A 69 -5.52 15.15 -16.67
CA ILE A 69 -4.13 14.74 -16.79
C ILE A 69 -3.84 14.22 -18.20
N ALA A 70 -4.74 13.38 -18.74
CA ALA A 70 -4.57 12.83 -20.08
C ALA A 70 -4.54 13.89 -21.18
N ASP A 71 -5.34 14.95 -21.06
CA ASP A 71 -5.33 15.98 -22.10
C ASP A 71 -4.19 16.99 -21.93
N GLY A 72 -3.30 16.76 -20.96
CA GLY A 72 -2.15 17.62 -20.71
C GLY A 72 -2.39 18.86 -19.87
N SER A 73 -3.63 19.10 -19.42
CA SER A 73 -3.93 20.32 -18.66
C SER A 73 -3.23 20.36 -17.32
N VAL A 74 -2.99 19.19 -16.71
CA VAL A 74 -2.23 19.07 -15.45
C VAL A 74 -1.45 17.75 -15.38
N LYS A 75 -0.48 17.70 -14.48
CA LYS A 75 0.07 16.43 -14.00
C LYS A 75 -0.51 16.19 -12.62
N ARG A 76 -0.43 14.95 -12.16
CA ARG A 76 -0.88 14.58 -10.80
C ARG A 76 -0.22 15.40 -9.68
N GLU A 77 1.04 15.74 -9.86
CA GLU A 77 1.80 16.59 -8.90
C GLU A 77 1.10 17.92 -8.64
N ASP A 78 0.43 18.44 -9.67
CA ASP A 78 -0.29 19.73 -9.62
C ASP A 78 -1.64 19.69 -8.92
N ILE A 79 -2.19 18.50 -8.68
CA ILE A 79 -3.52 18.37 -8.05
C ILE A 79 -3.39 17.94 -6.59
N PHE A 80 -4.13 18.60 -5.70
CA PHE A 80 -4.25 18.24 -4.28
C PHE A 80 -5.64 17.65 -4.05
N TYR A 81 -5.75 16.32 -3.95
CA TYR A 81 -7.03 15.65 -3.74
C TYR A 81 -7.18 15.13 -2.32
N THR A 82 -8.33 15.44 -1.74
CA THR A 82 -8.70 15.03 -0.42
C THR A 82 -9.80 13.95 -0.47
N SER A 83 -9.65 12.90 0.32
CA SER A 83 -10.79 12.02 0.62
C SER A 83 -10.99 12.01 2.11
N LYS A 84 -12.05 11.36 2.56
CA LYS A 84 -12.36 11.26 3.98
C LYS A 84 -12.88 9.85 4.41
N LEU A 85 -12.33 9.37 5.52
CA LEU A 85 -12.76 8.17 6.18
C LEU A 85 -14.15 8.33 6.83
N TRP A 86 -15.14 7.63 6.28
CA TRP A 86 -16.49 7.66 6.83
C TRP A 86 -16.55 6.83 8.15
N CYS A 87 -17.56 7.18 8.95
CA CYS A 87 -17.80 6.71 10.30
C CYS A 87 -18.06 5.23 10.52
N ASN A 88 -18.37 4.48 9.47
CA ASN A 88 -18.51 3.01 9.58
C ASN A 88 -17.20 2.24 9.33
N SER A 89 -16.11 2.97 9.13
CA SER A 89 -14.78 2.37 9.04
C SER A 89 -13.78 2.95 10.05
N HIS A 90 -14.28 3.52 11.15
CA HIS A 90 -13.41 3.99 12.22
C HIS A 90 -12.60 2.91 12.92
N ARG A 91 -13.07 1.67 12.90
CA ARG A 91 -12.33 0.58 13.53
C ARG A 91 -10.97 0.46 12.83
N PRO A 92 -9.86 0.45 13.58
CA PRO A 92 -8.54 0.46 12.94
C PRO A 92 -8.41 -0.48 11.76
N GLU A 93 -8.83 -1.72 11.95
CA GLU A 93 -8.67 -2.75 10.91
C GLU A 93 -9.34 -2.34 9.60
N LEU A 94 -10.41 -1.56 9.69
CA LEU A 94 -11.16 -1.11 8.53
C LEU A 94 -10.69 0.20 7.89
N VAL A 95 -9.69 0.86 8.46
CA VAL A 95 -9.28 2.16 7.93
C VAL A 95 -8.52 2.03 6.59
N ARG A 96 -7.47 1.21 6.54
CA ARG A 96 -6.72 0.96 5.28
C ARG A 96 -7.64 0.52 4.10
N PRO A 97 -8.49 -0.51 4.30
CA PRO A 97 -9.40 -0.95 3.23
C PRO A 97 -10.37 0.11 2.71
N ALA A 98 -10.78 1.05 3.58
CA ALA A 98 -11.64 2.14 3.14
C ALA A 98 -10.89 3.10 2.22
N LEU A 99 -9.67 3.49 2.62
CA LEU A 99 -8.84 4.34 1.77
C LEU A 99 -8.60 3.64 0.43
N GLU A 100 -8.25 2.36 0.47
CA GLU A 100 -8.01 1.57 -0.75
C GLU A 100 -9.24 1.49 -1.63
N ARG A 101 -10.42 1.44 -1.03
CA ARG A 101 -11.65 1.44 -1.80
C ARG A 101 -11.89 2.76 -2.49
N SER A 102 -11.61 3.86 -1.78
CA SER A 102 -11.70 5.21 -2.37
C SER A 102 -10.73 5.36 -3.54
N LEU A 103 -9.54 4.76 -3.43
CA LEU A 103 -8.56 4.87 -4.49
C LEU A 103 -8.90 4.03 -5.73
N LYS A 104 -9.46 2.86 -5.52
CA LYS A 104 -9.83 2.00 -6.64
C LYS A 104 -10.94 2.70 -7.44
N ASN A 105 -11.90 3.29 -6.73
CA ASN A 105 -12.93 4.13 -7.34
C ASN A 105 -12.32 5.33 -8.06
N LEU A 106 -11.45 6.06 -7.38
CA LEU A 106 -10.73 7.16 -8.03
C LEU A 106 -9.88 6.71 -9.22
N GLN A 107 -9.34 5.48 -9.19
CA GLN A 107 -8.30 5.03 -10.12
C GLN A 107 -7.01 5.88 -9.96
N LEU A 108 -6.72 6.24 -8.71
CA LEU A 108 -5.50 6.97 -8.36
C LEU A 108 -4.72 6.14 -7.34
N ASP A 109 -3.41 6.37 -7.33
CA ASP A 109 -2.48 5.59 -6.51
C ASP A 109 -2.42 6.15 -5.10
N TYR A 110 -2.61 7.47 -4.94
CA TYR A 110 -2.54 8.07 -3.62
C TYR A 110 -3.56 9.21 -3.53
N VAL A 111 -3.93 9.58 -2.30
CA VAL A 111 -4.61 10.85 -2.02
C VAL A 111 -3.61 11.78 -1.33
N ASP A 112 -3.73 13.06 -1.66
CA ASP A 112 -2.91 14.09 -1.03
C ASP A 112 -3.27 14.28 0.42
N LEU A 113 -4.56 14.13 0.77
CA LEU A 113 -5.02 14.33 2.16
C LEU A 113 -6.15 13.42 2.55
N TYR A 114 -6.01 12.73 3.67
CA TYR A 114 -7.05 11.82 4.11
C TYR A 114 -7.51 12.24 5.49
N LEU A 115 -8.82 12.50 5.64
CA LEU A 115 -9.35 13.00 6.91
C LEU A 115 -10.18 11.95 7.63
N ILE A 116 -10.22 12.06 8.96
CA ILE A 116 -11.32 11.47 9.69
C ILE A 116 -12.48 12.44 9.45
N HIS A 117 -13.44 11.99 8.65
CA HIS A 117 -14.60 12.77 8.25
C HIS A 117 -15.39 13.33 9.42
N PHE A 118 -15.76 12.46 10.36
CA PHE A 118 -16.57 12.86 11.52
C PHE A 118 -16.19 12.03 12.74
N PRO A 119 -16.19 12.66 13.94
CA PRO A 119 -15.60 11.98 15.10
C PRO A 119 -16.45 10.89 15.73
N VAL A 120 -17.73 10.81 15.37
CA VAL A 120 -18.63 9.82 15.92
C VAL A 120 -18.64 8.58 15.04
N SER A 121 -18.22 7.45 15.60
CA SER A 121 -18.22 6.19 14.87
C SER A 121 -19.64 5.57 14.77
N VAL A 122 -19.94 4.94 13.64
CA VAL A 122 -21.16 4.14 13.50
C VAL A 122 -20.82 2.67 13.21
N LYS A 123 -21.83 1.81 13.39
CA LYS A 123 -21.71 0.35 13.26
C LYS A 123 -21.17 -0.04 11.88
N PRO A 124 -20.14 -0.92 11.80
CA PRO A 124 -19.65 -1.36 10.47
C PRO A 124 -20.72 -2.11 9.67
N GLY A 125 -20.55 -2.10 8.35
CA GLY A 125 -21.56 -2.60 7.43
C GLY A 125 -21.62 -1.72 6.19
N GLU A 126 -22.53 -2.07 5.30
CA GLU A 126 -22.67 -1.41 4.00
C GLU A 126 -23.60 -0.19 4.09
N GLU A 127 -24.39 -0.11 5.16
CA GLU A 127 -25.22 1.06 5.43
C GLU A 127 -24.37 2.26 5.80
N VAL A 128 -24.71 3.41 5.22
CA VAL A 128 -24.00 4.66 5.44
C VAL A 128 -24.21 5.16 6.88
N ILE A 129 -25.49 5.35 7.24
CA ILE A 129 -25.94 5.74 8.58
C ILE A 129 -26.95 4.67 9.06
N PRO A 130 -26.45 3.56 9.64
CA PRO A 130 -27.33 2.47 10.07
C PRO A 130 -28.13 2.86 11.31
N LYS A 131 -29.44 2.70 11.27
CA LYS A 131 -30.31 2.99 12.43
C LYS A 131 -31.16 1.75 12.72
N ASP A 132 -31.71 1.67 13.92
CA ASP A 132 -32.71 0.64 14.22
C ASP A 132 -34.10 1.04 13.67
N GLU A 133 -35.13 0.21 13.93
CA GLU A 133 -36.52 0.52 13.53
C GLU A 133 -37.31 1.33 14.56
N ASN A 134 -36.85 1.36 15.82
CA ASN A 134 -37.40 2.22 16.86
C ASN A 134 -37.14 3.70 16.53
N GLY A 135 -35.89 4.14 16.69
CA GLY A 135 -35.47 5.49 16.34
C GLY A 135 -34.03 5.65 15.82
N LYS A 136 -33.05 5.23 16.63
CA LYS A 136 -31.70 5.79 16.54
C LYS A 136 -30.61 5.05 15.75
N ILE A 137 -29.62 5.88 15.38
CA ILE A 137 -28.32 5.50 14.83
C ILE A 137 -27.58 4.47 15.68
N LEU A 138 -27.21 3.39 14.99
CA LEU A 138 -26.41 2.33 15.57
C LEU A 138 -24.97 2.78 15.76
N PHE A 139 -24.75 3.52 16.86
CA PHE A 139 -23.42 4.00 17.26
C PHE A 139 -22.48 2.85 17.60
N ASP A 140 -21.18 3.06 17.38
CA ASP A 140 -20.16 2.02 17.56
C ASP A 140 -19.21 2.54 18.62
N THR A 141 -18.48 1.66 19.29
CA THR A 141 -17.51 2.04 20.31
C THR A 141 -16.12 1.77 19.74
N VAL A 142 -15.48 2.85 19.30
CA VAL A 142 -14.17 2.85 18.69
C VAL A 142 -13.38 3.96 19.39
N ASP A 143 -12.14 3.67 19.77
CA ASP A 143 -11.28 4.67 20.36
C ASP A 143 -10.73 5.55 19.26
N LEU A 144 -11.08 6.84 19.25
CA LEU A 144 -10.62 7.72 18.17
C LEU A 144 -9.08 7.74 18.05
N CYS A 145 -8.40 7.82 19.19
CA CYS A 145 -6.96 7.68 19.22
C CYS A 145 -6.45 6.42 18.52
N ALA A 146 -7.25 5.35 18.53
CA ALA A 146 -6.92 4.16 17.77
C ALA A 146 -7.14 4.40 16.29
N THR A 147 -8.33 4.90 15.95
CA THR A 147 -8.66 5.25 14.56
C THR A 147 -7.52 6.08 13.95
N TRP A 148 -7.11 7.12 14.67
CA TRP A 148 -6.01 7.99 14.21
C TRP A 148 -4.72 7.22 13.87
N GLU A 149 -4.37 6.25 14.70
CA GLU A 149 -3.17 5.44 14.48
C GLU A 149 -3.18 4.66 13.17
N ALA A 150 -4.35 4.15 12.79
CA ALA A 150 -4.52 3.53 11.46
C ALA A 150 -4.50 4.58 10.36
N VAL A 151 -5.02 5.77 10.66
CA VAL A 151 -4.81 6.90 9.74
C VAL A 151 -3.31 7.23 9.58
N GLU A 152 -2.53 7.23 10.66
CA GLU A 152 -1.07 7.43 10.54
C GLU A 152 -0.40 6.31 9.73
N LYS A 153 -0.84 5.08 9.90
CA LYS A 153 -0.32 3.97 9.11
C LYS A 153 -0.57 4.17 7.61
N CYS A 154 -1.68 4.84 7.26
CA CYS A 154 -1.97 5.19 5.87
C CYS A 154 -0.96 6.21 5.30
N LYS A 155 -0.51 7.14 6.13
CA LYS A 155 0.62 8.00 5.76
C LYS A 155 1.93 7.23 5.57
N ASP A 156 2.20 6.29 6.47
CA ASP A 156 3.40 5.46 6.41
C ASP A 156 3.45 4.59 5.15
N ALA A 157 2.31 4.01 4.80
CA ALA A 157 2.15 3.25 3.56
C ALA A 157 2.19 4.12 2.28
N GLY A 158 2.01 5.44 2.44
CA GLY A 158 2.08 6.40 1.35
C GLY A 158 0.82 6.41 0.51
N LEU A 159 -0.27 5.95 1.11
CA LEU A 159 -1.57 5.98 0.46
C LEU A 159 -2.11 7.40 0.55
N ALA A 160 -1.92 8.02 1.72
CA ALA A 160 -2.17 9.44 1.93
C ALA A 160 -0.84 10.22 2.10
N LYS A 161 -0.68 11.32 1.35
CA LYS A 161 0.53 12.16 1.50
C LYS A 161 0.48 12.91 2.81
N SER A 162 -0.72 13.31 3.22
CA SER A 162 -0.95 14.03 4.46
C SER A 162 -2.28 13.54 5.05
N ILE A 163 -2.40 13.68 6.37
CA ILE A 163 -3.57 13.23 7.11
C ILE A 163 -4.05 14.33 8.05
N GLY A 164 -5.33 14.29 8.38
CA GLY A 164 -5.92 15.29 9.26
C GLY A 164 -7.27 14.83 9.71
N VAL A 165 -8.07 15.77 10.22
CA VAL A 165 -9.42 15.51 10.75
C VAL A 165 -10.47 16.52 10.25
N SER A 166 -11.73 16.17 10.40
CA SER A 166 -12.80 17.10 10.09
C SER A 166 -13.80 17.00 11.20
N ASN A 167 -14.35 18.16 11.57
CA ASN A 167 -15.43 18.24 12.60
C ASN A 167 -14.97 17.82 14.00
N PHE A 168 -13.71 18.07 14.30
CA PHE A 168 -13.16 17.86 15.64
C PHE A 168 -13.29 19.16 16.38
N ASN A 169 -13.78 19.08 17.62
CA ASN A 169 -13.77 20.22 18.54
C ASN A 169 -12.39 20.34 19.16
N ARG A 170 -12.23 21.22 20.14
CA ARG A 170 -10.92 21.51 20.68
C ARG A 170 -10.42 20.37 21.50
N ARG A 171 -11.25 19.82 22.40
CA ARG A 171 -10.79 18.71 23.27
C ARG A 171 -10.34 17.49 22.46
N GLN A 172 -11.02 17.24 21.35
CA GLN A 172 -10.73 16.13 20.47
C GLN A 172 -9.41 16.31 19.75
N LEU A 173 -9.14 17.55 19.34
CA LEU A 173 -7.81 17.93 18.79
C LEU A 173 -6.73 17.77 19.87
N GLU A 174 -6.99 18.31 21.06
CA GLU A 174 -6.08 18.14 22.21
C GLU A 174 -5.83 16.65 22.43
N MET A 175 -6.92 15.87 22.44
CA MET A 175 -6.85 14.43 22.65
C MET A 175 -5.84 13.76 21.74
N ILE A 176 -5.85 14.10 20.46
CA ILE A 176 -4.90 13.52 19.50
C ILE A 176 -3.49 14.03 19.77
N LEU A 177 -3.38 15.31 20.10
CA LEU A 177 -2.08 15.95 20.36
C LEU A 177 -1.42 15.36 21.60
N ASN A 178 -2.24 15.07 22.60
CA ASN A 178 -1.77 14.45 23.84
C ASN A 178 -1.55 12.93 23.82
N LYS A 179 -1.76 12.30 22.67
CA LYS A 179 -1.78 10.85 22.60
C LYS A 179 -0.37 10.35 22.76
N PRO A 180 -0.15 9.40 23.67
CA PRO A 180 1.17 8.76 23.73
C PRO A 180 1.54 8.03 22.42
N GLY A 181 2.80 8.15 22.00
CA GLY A 181 3.27 7.48 20.79
C GLY A 181 2.97 8.20 19.49
N LEU A 182 2.24 9.31 19.55
CA LEU A 182 1.84 10.06 18.35
C LEU A 182 2.97 10.15 17.31
N LYS A 183 2.73 9.64 16.10
CA LYS A 183 3.69 9.81 15.00
C LYS A 183 3.50 11.19 14.34
N TYR A 184 2.30 11.46 13.85
CA TYR A 184 1.99 12.65 13.01
C TYR A 184 0.88 13.53 13.58
N LYS A 185 1.07 14.84 13.61
CA LYS A 185 -0.04 15.75 13.92
C LYS A 185 -1.08 15.75 12.77
N PRO A 186 -2.36 16.07 13.09
CA PRO A 186 -3.28 16.48 12.04
C PRO A 186 -2.72 17.69 11.31
N VAL A 187 -2.67 17.60 9.99
CA VAL A 187 -2.29 18.73 9.20
C VAL A 187 -3.42 19.76 9.27
N CYS A 188 -4.65 19.30 9.42
CA CYS A 188 -5.77 20.19 9.34
C CYS A 188 -6.96 19.75 10.11
N ASN A 189 -7.85 20.71 10.38
CA ASN A 189 -9.17 20.46 10.87
C ASN A 189 -10.16 21.13 9.92
N GLN A 190 -10.85 20.32 9.13
CA GLN A 190 -11.84 20.83 8.22
C GLN A 190 -13.16 20.98 8.97
N VAL A 191 -13.67 22.20 9.03
CA VAL A 191 -14.89 22.52 9.75
C VAL A 191 -15.72 23.54 8.99
N GLU A 192 -16.98 23.69 9.41
CA GLU A 192 -17.82 24.76 8.89
C GLU A 192 -17.20 26.10 9.30
N CYS A 193 -17.06 27.00 8.35
CA CYS A 193 -16.63 28.35 8.65
C CYS A 193 -17.06 29.35 7.54
N HIS A 194 -17.70 30.43 7.98
CA HIS A 194 -18.22 31.49 7.09
C HIS A 194 -18.47 32.71 8.01
N PRO A 195 -18.90 33.87 7.47
CA PRO A 195 -19.07 35.02 8.37
C PRO A 195 -20.21 34.97 9.41
N TYR A 196 -21.18 34.08 9.24
CA TYR A 196 -22.16 33.78 10.31
C TYR A 196 -21.70 32.78 11.37
N PHE A 197 -20.57 32.11 11.14
CA PHE A 197 -19.93 31.20 12.11
C PHE A 197 -18.41 31.22 11.83
N ASN A 198 -17.75 32.29 12.27
CA ASN A 198 -16.36 32.56 11.86
C ASN A 198 -15.26 31.76 12.59
N GLN A 199 -15.64 31.01 13.62
CA GLN A 199 -14.78 30.00 14.23
C GLN A 199 -13.51 30.56 14.83
N ARG A 200 -13.61 31.78 15.34
CA ARG A 200 -12.46 32.54 15.81
C ARG A 200 -11.62 31.78 16.86
N LYS A 201 -12.29 31.36 17.93
CA LYS A 201 -11.66 30.60 18.99
C LYS A 201 -11.00 29.33 18.43
N LEU A 202 -11.74 28.56 17.66
CA LEU A 202 -11.21 27.34 17.06
C LEU A 202 -10.06 27.61 16.09
N LEU A 203 -10.20 28.70 15.35
CA LEU A 203 -9.18 29.15 14.42
C LEU A 203 -7.90 29.52 15.17
N ASP A 204 -8.04 30.28 16.25
CA ASP A 204 -6.87 30.66 17.05
C ASP A 204 -6.18 29.44 17.62
N PHE A 205 -6.96 28.52 18.22
CA PHE A 205 -6.38 27.28 18.77
C PHE A 205 -5.58 26.52 17.69
N CYS A 206 -6.18 26.42 16.50
CA CYS A 206 -5.54 25.74 15.38
C CYS A 206 -4.22 26.38 14.98
N LYS A 207 -4.17 27.70 14.93
CA LYS A 207 -2.92 28.41 14.63
C LYS A 207 -1.87 28.30 15.74
N SER A 208 -2.33 28.24 16.99
CA SER A 208 -1.44 28.08 18.14
C SER A 208 -0.79 26.72 18.19
N LYS A 209 -1.29 25.82 17.34
CA LYS A 209 -0.76 24.49 17.22
C LYS A 209 -0.39 24.08 15.79
N ASP A 210 -0.26 25.05 14.89
CA ASP A 210 0.20 24.82 13.52
C ASP A 210 -0.72 23.80 12.81
N ILE A 211 -2.02 24.01 12.99
CA ILE A 211 -3.05 23.25 12.29
C ILE A 211 -3.82 24.18 11.36
N VAL A 212 -3.85 23.82 10.07
CA VAL A 212 -4.64 24.55 9.10
C VAL A 212 -6.17 24.35 9.33
N LEU A 213 -6.92 25.41 9.60
CA LEU A 213 -8.38 25.31 9.61
C LEU A 213 -8.86 25.40 8.16
N VAL A 214 -9.72 24.46 7.76
CA VAL A 214 -10.24 24.41 6.39
C VAL A 214 -11.74 24.66 6.43
N ALA A 215 -12.13 25.85 5.95
CA ALA A 215 -13.52 26.29 5.93
C ALA A 215 -14.32 25.52 4.89
N TYR A 216 -15.35 24.77 5.34
CA TYR A 216 -16.41 24.28 4.44
C TYR A 216 -17.73 25.02 4.68
N SER A 217 -18.67 24.85 3.75
CA SER A 217 -19.88 25.65 3.72
C SER A 217 -19.51 27.15 3.85
N ALA A 218 -18.45 27.53 3.14
CA ALA A 218 -17.93 28.89 3.18
C ALA A 218 -18.83 29.88 2.46
N LEU A 219 -19.58 29.40 1.47
CA LEU A 219 -20.63 30.22 0.77
C LEU A 219 -22.04 30.07 1.38
N GLY A 220 -22.12 29.46 2.55
CA GLY A 220 -23.36 29.37 3.27
C GLY A 220 -24.06 28.04 3.15
N SER A 221 -23.39 27.03 2.57
CA SER A 221 -23.95 25.68 2.53
C SER A 221 -24.85 25.47 1.29
N HIS A 222 -24.93 24.22 0.88
CA HIS A 222 -25.96 23.71 -0.03
C HIS A 222 -27.42 23.89 0.41
N ARG A 223 -27.66 24.06 1.70
CA ARG A 223 -29.02 24.21 2.24
C ARG A 223 -29.95 22.99 2.04
N GLU A 224 -29.36 21.85 1.73
CA GLU A 224 -30.08 20.63 1.57
C GLU A 224 -30.77 20.21 2.86
N GLU A 225 -32.08 20.01 2.80
CA GLU A 225 -32.86 19.43 3.90
C GLU A 225 -32.67 17.91 3.85
N PRO A 226 -32.64 17.23 5.01
CA PRO A 226 -32.81 17.66 6.38
C PRO A 226 -31.49 18.10 7.09
N TRP A 227 -30.44 18.33 6.32
CA TRP A 227 -29.16 18.67 6.87
C TRP A 227 -29.11 20.12 7.29
N VAL A 228 -29.93 20.97 6.70
CA VAL A 228 -29.93 22.40 7.06
C VAL A 228 -31.35 22.89 7.32
N ASP A 229 -31.56 23.58 8.42
CA ASP A 229 -32.86 24.23 8.67
C ASP A 229 -33.10 25.26 7.56
N PRO A 230 -34.13 25.07 6.71
CA PRO A 230 -34.43 26.10 5.68
C PRO A 230 -34.87 27.50 6.21
N ASN A 231 -35.21 27.63 7.50
CA ASN A 231 -35.40 28.94 8.14
C ASN A 231 -34.11 29.66 8.47
N SER A 232 -32.99 28.97 8.39
CA SER A 232 -31.70 29.60 8.60
C SER A 232 -31.52 30.78 7.65
N PRO A 233 -30.90 31.86 8.11
CA PRO A 233 -30.58 32.96 7.15
C PRO A 233 -29.60 32.57 5.99
N VAL A 234 -29.84 33.13 4.79
CA VAL A 234 -29.07 32.85 3.58
C VAL A 234 -27.85 33.74 3.56
N LEU A 235 -26.68 33.11 3.70
CA LEU A 235 -25.46 33.81 3.88
C LEU A 235 -25.26 34.82 2.75
N LEU A 236 -25.34 34.36 1.51
CA LEU A 236 -25.06 35.22 0.34
C LEU A 236 -26.04 36.37 0.04
N GLU A 237 -27.16 36.41 0.78
CA GLU A 237 -28.06 37.56 0.79
C GLU A 237 -27.69 38.63 1.83
N ASP A 238 -26.62 38.39 2.59
CA ASP A 238 -26.24 39.33 3.63
C ASP A 238 -25.97 40.74 3.05
N PRO A 239 -26.67 41.75 3.61
CA PRO A 239 -26.52 43.14 3.22
C PRO A 239 -25.09 43.66 3.18
N VAL A 240 -24.26 43.30 4.16
CA VAL A 240 -22.89 43.80 4.23
C VAL A 240 -22.01 43.11 3.19
N LEU A 241 -22.17 41.80 3.06
CA LEU A 241 -21.47 41.05 1.99
C LEU A 241 -21.84 41.62 0.63
N CYS A 242 -23.10 42.00 0.47
CA CYS A 242 -23.56 42.63 -0.76
C CYS A 242 -22.98 44.02 -0.94
N ALA A 243 -22.93 44.82 0.13
CA ALA A 243 -22.33 46.17 0.05
C ALA A 243 -20.86 46.09 -0.33
N LEU A 244 -20.07 45.37 0.46
CA LEU A 244 -18.65 45.13 0.14
C LEU A 244 -18.46 44.66 -1.30
N ALA A 245 -19.39 43.82 -1.80
CA ALA A 245 -19.31 43.35 -3.17
C ALA A 245 -19.48 44.48 -4.19
N LYS A 246 -20.45 45.36 -3.96
CA LYS A 246 -20.66 46.56 -4.82
C LYS A 246 -19.43 47.45 -4.80
N LYS A 247 -19.01 47.81 -3.59
CA LYS A 247 -17.79 48.59 -3.36
C LYS A 247 -16.56 48.01 -4.07
N HIS A 248 -16.36 46.69 -4.05
CA HIS A 248 -15.23 46.07 -4.76
C HIS A 248 -15.51 45.62 -6.18
N LYS A 249 -16.73 45.86 -6.68
CA LYS A 249 -17.19 45.32 -7.98
C LYS A 249 -16.92 43.79 -8.06
N ARG A 250 -17.24 43.08 -6.98
CA ARG A 250 -17.18 41.62 -6.92
C ARG A 250 -18.58 41.14 -6.52
N THR A 251 -18.71 39.88 -6.09
CA THR A 251 -19.97 39.29 -5.59
C THR A 251 -19.84 38.91 -4.12
N PRO A 252 -20.97 38.78 -3.42
CA PRO A 252 -20.97 38.33 -2.01
C PRO A 252 -20.19 37.02 -1.77
N ALA A 253 -20.25 36.09 -2.72
CA ALA A 253 -19.43 34.87 -2.68
C ALA A 253 -17.95 35.22 -2.56
N LEU A 254 -17.47 36.06 -3.48
CA LEU A 254 -16.05 36.47 -3.50
C LEU A 254 -15.58 37.18 -2.23
N ILE A 255 -16.48 37.97 -1.67
CA ILE A 255 -16.20 38.68 -0.43
C ILE A 255 -15.96 37.63 0.65
N ALA A 256 -16.93 36.70 0.75
CA ALA A 256 -16.95 35.67 1.75
C ALA A 256 -15.78 34.70 1.68
N LEU A 257 -15.42 34.26 0.46
CA LEU A 257 -14.18 33.48 0.23
C LEU A 257 -12.91 34.26 0.63
N ARG A 258 -12.82 35.52 0.18
CA ARG A 258 -11.67 36.37 0.40
C ARG A 258 -11.43 36.68 1.88
N TYR A 259 -12.52 36.80 2.64
CA TYR A 259 -12.46 36.94 4.08
C TYR A 259 -11.60 35.85 4.69
N GLN A 260 -11.87 34.62 4.27
CA GLN A 260 -11.18 33.45 4.81
C GLN A 260 -9.70 33.43 4.42
N LEU A 261 -9.38 33.85 3.20
CA LEU A 261 -7.99 33.82 2.82
C LEU A 261 -7.19 34.79 3.68
N GLN A 262 -7.78 35.95 3.98
CA GLN A 262 -7.07 36.99 4.72
C GLN A 262 -6.82 36.74 6.18
N ARG A 263 -7.54 35.80 6.76
CA ARG A 263 -7.38 35.41 8.17
C ARG A 263 -6.67 34.06 8.28
N GLY A 264 -6.00 33.65 7.20
CA GLY A 264 -5.18 32.44 7.20
C GLY A 264 -5.96 31.14 7.17
N VAL A 265 -7.21 31.19 6.75
CA VAL A 265 -8.06 30.02 6.62
C VAL A 265 -7.99 29.53 5.19
N VAL A 266 -7.84 28.23 4.98
CA VAL A 266 -7.97 27.63 3.65
C VAL A 266 -9.48 27.40 3.39
N VAL A 267 -9.95 27.76 2.21
CA VAL A 267 -11.38 27.90 1.98
C VAL A 267 -11.87 27.01 0.83
N LEU A 268 -12.93 26.23 1.09
CA LEU A 268 -13.61 25.48 0.03
C LEU A 268 -14.76 26.32 -0.56
N ALA A 269 -15.03 26.08 -1.85
CA ALA A 269 -16.23 26.57 -2.52
C ALA A 269 -16.73 25.49 -3.42
N LYS A 270 -17.97 25.03 -3.21
CA LYS A 270 -18.63 24.16 -4.17
C LYS A 270 -19.38 24.96 -5.21
N SER A 271 -19.26 24.57 -6.48
CA SER A 271 -20.17 25.07 -7.54
C SER A 271 -20.25 24.07 -8.69
N TYR A 272 -21.44 23.81 -9.18
CA TYR A 272 -21.58 23.01 -10.41
C TYR A 272 -21.94 23.92 -11.59
N ASN A 273 -21.90 25.23 -11.38
CA ASN A 273 -22.25 26.22 -12.40
C ASN A 273 -20.96 26.73 -13.04
N GLU A 274 -20.80 26.57 -14.35
CA GLU A 274 -19.58 27.00 -15.06
C GLU A 274 -19.19 28.46 -14.84
N GLN A 275 -20.18 29.34 -14.85
CA GLN A 275 -19.97 30.76 -14.59
C GLN A 275 -19.42 31.02 -13.19
N ARG A 276 -20.14 30.52 -12.19
CA ARG A 276 -19.75 30.69 -10.79
C ARG A 276 -18.45 29.96 -10.42
N ILE A 277 -18.17 28.84 -11.07
CA ILE A 277 -16.87 28.21 -11.02
C ILE A 277 -15.77 29.18 -11.48
N ARG A 278 -15.96 29.82 -12.62
CA ARG A 278 -14.96 30.74 -13.15
C ARG A 278 -14.82 31.94 -12.24
N GLN A 279 -15.95 32.40 -11.71
CA GLN A 279 -16.00 33.55 -10.82
C GLN A 279 -15.24 33.32 -9.53
N ASN A 280 -15.31 32.10 -9.03
CA ASN A 280 -14.76 31.81 -7.73
C ASN A 280 -13.24 31.91 -7.68
N VAL A 281 -12.56 31.66 -8.80
CA VAL A 281 -11.10 31.78 -8.80
C VAL A 281 -10.62 33.25 -8.69
N GLN A 282 -11.50 34.20 -8.96
CA GLN A 282 -11.18 35.62 -8.80
C GLN A 282 -11.01 36.11 -7.35
N VAL A 283 -11.07 35.19 -6.38
CA VAL A 283 -10.65 35.48 -5.00
C VAL A 283 -9.19 35.96 -4.92
N PHE A 284 -8.35 35.55 -5.88
CA PHE A 284 -6.96 35.98 -5.95
C PHE A 284 -6.71 37.28 -6.70
N GLU A 285 -7.73 38.12 -6.90
CA GLU A 285 -7.55 39.33 -7.69
C GLU A 285 -7.98 40.62 -7.00
N PHE A 286 -8.27 40.58 -5.72
CA PHE A 286 -8.61 41.79 -4.98
C PHE A 286 -8.36 41.52 -3.52
N GLN A 287 -8.55 42.53 -2.68
CA GLN A 287 -8.35 42.33 -1.26
C GLN A 287 -9.09 43.31 -0.37
N LEU A 288 -9.23 42.93 0.88
CA LEU A 288 -10.06 43.62 1.82
C LEU A 288 -9.18 44.45 2.72
N THR A 289 -9.71 45.58 3.15
CA THR A 289 -9.05 46.43 4.14
C THR A 289 -9.22 45.77 5.51
N SER A 290 -8.36 46.12 6.47
CA SER A 290 -8.57 45.76 7.88
C SER A 290 -9.94 46.17 8.39
N GLU A 291 -10.42 47.33 7.97
CA GLU A 291 -11.70 47.87 8.46
C GLU A 291 -12.86 47.01 7.93
N GLU A 292 -12.82 46.72 6.62
CA GLU A 292 -13.72 45.75 5.99
C GLU A 292 -13.70 44.38 6.68
N MET A 293 -12.50 43.83 6.84
CA MET A 293 -12.34 42.53 7.48
C MET A 293 -12.97 42.46 8.86
N LYS A 294 -12.87 43.57 9.61
CA LYS A 294 -13.54 43.71 10.93
C LYS A 294 -15.03 43.95 10.84
N ALA A 295 -15.48 44.61 9.77
CA ALA A 295 -16.92 44.63 9.45
C ALA A 295 -17.48 43.23 9.35
N ILE A 296 -16.82 42.40 8.56
CA ILE A 296 -17.17 41.01 8.40
C ILE A 296 -17.08 40.23 9.75
N ASP A 297 -16.14 40.57 10.64
CA ASP A 297 -16.10 39.98 12.01
C ASP A 297 -17.37 40.32 12.80
N GLY A 298 -17.91 41.50 12.59
CA GLY A 298 -19.22 41.88 13.15
C GLY A 298 -20.44 41.09 12.66
N LEU A 299 -20.30 40.38 11.55
CA LEU A 299 -21.42 39.58 11.04
C LEU A 299 -21.59 38.27 11.79
N ASN A 300 -20.76 38.00 12.80
CA ASN A 300 -20.81 36.71 13.47
C ASN A 300 -22.13 36.49 14.23
N ARG A 301 -22.88 35.45 13.84
CA ARG A 301 -24.21 35.17 14.33
C ARG A 301 -24.28 33.94 15.19
N ASN A 302 -23.18 33.19 15.25
CA ASN A 302 -23.21 31.76 15.63
C ASN A 302 -24.44 30.98 15.13
N VAL A 303 -24.65 31.05 13.81
CA VAL A 303 -25.60 30.20 13.09
C VAL A 303 -24.81 29.08 12.42
N ARG A 304 -24.97 27.86 12.95
CA ARG A 304 -24.32 26.68 12.40
C ARG A 304 -25.26 25.96 11.45
N TYR A 305 -24.95 26.00 10.16
CA TYR A 305 -25.79 25.35 9.19
C TYR A 305 -25.80 23.83 9.35
N LEU A 306 -24.64 23.26 9.60
CA LEU A 306 -24.53 21.81 9.72
C LEU A 306 -24.36 21.38 11.14
N THR A 307 -25.50 21.30 11.82
CA THR A 307 -25.64 20.87 13.20
C THR A 307 -25.36 19.40 13.35
N LEU A 308 -25.80 18.62 12.36
CA LEU A 308 -25.63 17.19 12.38
C LEU A 308 -26.23 16.53 13.64
N ASP A 309 -27.43 17.02 14.01
CA ASP A 309 -28.21 16.62 15.18
C ASP A 309 -28.39 15.13 15.32
N ILE A 310 -28.61 14.45 14.21
CA ILE A 310 -28.75 12.99 14.23
C ILE A 310 -27.57 12.28 14.92
N PHE A 311 -26.39 12.90 14.90
CA PHE A 311 -25.24 12.33 15.58
C PHE A 311 -25.06 12.68 17.04
N ALA A 312 -25.92 13.55 17.58
CA ALA A 312 -25.89 13.93 18.99
C ALA A 312 -26.27 12.76 19.85
N GLY A 313 -25.81 12.79 21.09
CA GLY A 313 -26.00 11.67 22.03
C GLY A 313 -24.69 11.14 22.59
N PRO A 314 -23.87 10.50 21.75
CA PRO A 314 -22.57 10.04 22.20
C PRO A 314 -21.61 11.18 22.58
N PRO A 315 -20.67 10.91 23.51
CA PRO A 315 -19.69 11.90 24.01
C PRO A 315 -18.88 12.61 22.92
N ASN A 316 -18.50 11.86 21.88
CA ASN A 316 -17.77 12.41 20.73
C ASN A 316 -18.59 13.25 19.72
N TYR A 317 -19.89 13.48 19.97
CA TYR A 317 -20.61 14.47 19.19
C TYR A 317 -19.94 15.82 19.45
N PRO A 318 -19.35 16.42 18.40
CA PRO A 318 -18.37 17.51 18.58
C PRO A 318 -18.88 18.93 18.87
N PHE A 319 -20.14 19.23 18.65
CA PHE A 319 -20.62 20.61 18.78
C PHE A 319 -21.36 20.90 20.08
N SER A 320 -21.32 19.98 21.05
CA SER A 320 -21.86 20.24 22.41
C SER A 320 -20.97 21.27 23.15
N ASP A 321 -19.65 21.10 23.02
CA ASP A 321 -18.68 22.03 23.61
C ASP A 321 -18.78 23.40 22.91
N GLU A 322 -18.39 24.45 23.63
CA GLU A 322 -18.36 25.82 23.08
C GLU A 322 -17.56 25.82 21.77
N TYR A 323 -16.41 25.17 21.78
CA TYR A 323 -15.64 25.01 20.54
C TYR A 323 -14.65 23.88 20.64
N GLN B 6 27.73 -10.32 -12.67
CA GLN B 6 26.41 -10.04 -12.02
C GLN B 6 26.05 -11.10 -10.94
N CYS B 7 27.07 -11.52 -10.20
CA CYS B 7 26.97 -12.60 -9.25
C CYS B 7 27.45 -12.14 -7.90
N VAL B 8 27.29 -13.01 -6.90
CA VAL B 8 27.71 -12.80 -5.54
C VAL B 8 28.49 -14.07 -5.27
N LYS B 9 29.63 -13.96 -4.60
CA LYS B 9 30.42 -15.12 -4.16
C LYS B 9 29.76 -15.78 -2.98
N LEU B 10 29.64 -17.09 -3.04
CA LEU B 10 29.00 -17.84 -1.98
C LEU B 10 30.09 -18.36 -1.05
N ASN B 11 29.71 -18.78 0.13
CA ASN B 11 30.69 -19.09 1.18
C ASN B 11 31.55 -20.34 0.89
N ASP B 12 31.09 -21.17 -0.03
CA ASP B 12 31.85 -22.29 -0.51
C ASP B 12 32.74 -21.95 -1.69
N GLY B 13 32.75 -20.68 -2.12
CA GLY B 13 33.59 -20.22 -3.23
C GLY B 13 32.90 -20.07 -4.57
N HIS B 14 31.74 -20.70 -4.74
CA HIS B 14 30.97 -20.57 -5.98
C HIS B 14 30.22 -19.25 -6.06
N PHE B 15 29.80 -18.92 -7.27
CA PHE B 15 29.13 -17.66 -7.62
C PHE B 15 27.70 -17.89 -8.11
N MET B 16 26.78 -17.12 -7.54
CA MET B 16 25.33 -17.15 -7.83
C MET B 16 24.87 -15.84 -8.49
N PRO B 17 24.35 -15.89 -9.72
CA PRO B 17 23.78 -14.66 -10.28
C PRO B 17 22.71 -14.05 -9.37
N VAL B 18 22.84 -12.76 -9.09
CA VAL B 18 21.96 -12.06 -8.12
C VAL B 18 20.49 -11.95 -8.51
N LEU B 19 20.20 -12.20 -9.80
CA LEU B 19 18.83 -12.26 -10.33
C LEU B 19 18.50 -13.67 -10.81
N GLY B 20 17.36 -14.18 -10.35
CA GLY B 20 16.89 -15.55 -10.66
C GLY B 20 15.53 -15.62 -11.32
N PHE B 21 15.35 -16.59 -12.21
CA PHE B 21 14.07 -16.82 -12.86
C PHE B 21 13.28 -17.93 -12.11
N GLY B 22 12.08 -17.59 -11.63
CA GLY B 22 11.21 -18.53 -10.96
C GLY B 22 10.35 -19.33 -11.93
N THR B 23 10.35 -20.66 -11.77
CA THR B 23 9.77 -21.55 -12.79
C THR B 23 8.40 -22.10 -12.42
N TYR B 24 7.96 -21.90 -11.17
CA TYR B 24 6.69 -22.50 -10.73
C TYR B 24 5.55 -21.76 -11.31
N ALA B 25 4.55 -22.52 -11.74
CA ALA B 25 3.25 -21.94 -12.08
C ALA B 25 2.15 -22.87 -11.58
N PRO B 26 1.04 -22.29 -11.14
CA PRO B 26 -0.15 -23.05 -10.83
C PRO B 26 -0.52 -23.98 -11.99
N ALA B 27 -1.16 -25.11 -11.64
CA ALA B 27 -1.39 -26.22 -12.56
C ALA B 27 -2.32 -25.92 -13.74
N GLU B 28 -3.18 -24.91 -13.62
CA GLU B 28 -3.98 -24.47 -14.79
C GLU B 28 -3.07 -24.23 -15.96
N VAL B 29 -1.92 -23.64 -15.68
CA VAL B 29 -0.93 -23.32 -16.69
C VAL B 29 -0.32 -24.63 -17.22
N PRO B 30 -0.44 -24.89 -18.54
CA PRO B 30 0.23 -26.06 -19.13
C PRO B 30 1.73 -26.06 -18.87
N LYS B 31 2.32 -27.24 -18.71
CA LYS B 31 3.77 -27.29 -18.45
C LYS B 31 4.60 -26.84 -19.66
N SER B 32 3.98 -26.85 -20.83
CA SER B 32 4.59 -26.32 -22.04
C SER B 32 5.02 -24.84 -21.97
N LYS B 33 4.32 -24.04 -21.17
CA LYS B 33 4.71 -22.62 -20.96
C LYS B 33 5.97 -22.51 -20.08
N ALA B 34 6.21 -23.49 -19.21
CA ALA B 34 7.46 -23.58 -18.46
C ALA B 34 8.65 -23.71 -19.40
N LEU B 35 8.49 -24.53 -20.45
CA LEU B 35 9.50 -24.66 -21.48
C LEU B 35 9.72 -23.32 -22.16
N GLU B 36 8.63 -22.78 -22.68
CA GLU B 36 8.70 -21.52 -23.40
C GLU B 36 9.29 -20.39 -22.54
N ALA B 37 8.82 -20.26 -21.31
CA ALA B 37 9.20 -19.13 -20.48
C ALA B 37 10.68 -19.17 -20.17
N THR B 38 11.17 -20.37 -19.86
CA THR B 38 12.55 -20.56 -19.46
C THR B 38 13.53 -20.23 -20.56
N LYS B 39 13.21 -20.69 -21.79
CA LYS B 39 14.00 -20.31 -22.97
C LYS B 39 14.00 -18.81 -23.13
N LEU B 40 12.83 -18.19 -23.02
CA LEU B 40 12.72 -16.72 -23.08
C LEU B 40 13.54 -15.99 -22.03
N ALA B 41 13.54 -16.49 -20.80
CA ALA B 41 14.33 -15.88 -19.73
C ALA B 41 15.81 -16.02 -20.02
N ILE B 42 16.22 -17.18 -20.56
CA ILE B 42 17.62 -17.41 -20.94
C ILE B 42 17.98 -16.45 -22.07
N GLU B 43 17.08 -16.38 -23.06
CA GLU B 43 17.20 -15.39 -24.13
C GLU B 43 17.26 -13.96 -23.62
N ALA B 44 16.39 -13.59 -22.70
CA ALA B 44 16.41 -12.23 -22.16
C ALA B 44 17.67 -11.92 -21.30
N GLY B 45 18.36 -12.95 -20.81
CA GLY B 45 19.56 -12.76 -19.98
C GLY B 45 19.52 -13.32 -18.56
N PHE B 46 18.48 -14.04 -18.18
CA PHE B 46 18.50 -14.76 -16.91
C PHE B 46 19.53 -15.89 -17.01
N ARG B 47 20.32 -16.01 -15.94
CA ARG B 47 21.35 -17.04 -15.83
C ARG B 47 21.18 -17.94 -14.64
N HIS B 48 20.27 -17.55 -13.74
CA HIS B 48 19.93 -18.30 -12.55
C HIS B 48 18.42 -18.65 -12.68
N ILE B 49 18.14 -19.96 -12.64
CA ILE B 49 16.82 -20.57 -12.78
C ILE B 49 16.51 -21.41 -11.54
N ASP B 50 15.33 -21.21 -11.00
CA ASP B 50 14.95 -21.81 -9.75
C ASP B 50 13.80 -22.76 -9.95
N SER B 51 14.04 -24.05 -9.72
CA SER B 51 12.98 -25.02 -9.71
C SER B 51 13.14 -25.99 -8.55
N ALA B 52 12.44 -27.12 -8.66
CA ALA B 52 12.36 -28.08 -7.57
C ALA B 52 11.69 -29.33 -8.06
N HIS B 53 11.89 -30.41 -7.32
CA HIS B 53 11.11 -31.62 -7.57
C HIS B 53 9.61 -31.35 -7.42
N LEU B 54 9.23 -30.49 -6.49
CA LEU B 54 7.83 -30.17 -6.20
C LEU B 54 7.06 -29.56 -7.38
N TYR B 55 7.73 -28.72 -8.14
CA TYR B 55 7.08 -27.91 -9.17
C TYR B 55 6.65 -28.76 -10.36
N ASN B 56 7.12 -30.01 -10.40
CA ASN B 56 6.73 -30.96 -11.41
C ASN B 56 6.99 -30.44 -12.87
N ASN B 57 8.10 -29.71 -13.02
CA ASN B 57 8.50 -29.13 -14.31
C ASN B 57 9.96 -29.30 -14.72
N GLU B 58 10.70 -30.15 -14.02
CA GLU B 58 12.14 -30.26 -14.27
C GLU B 58 12.42 -30.83 -15.65
N GLU B 59 11.53 -31.68 -16.12
CA GLU B 59 11.57 -32.18 -17.47
C GLU B 59 11.61 -31.02 -18.45
N GLN B 60 10.76 -30.01 -18.24
CA GLN B 60 10.63 -28.88 -19.16
C GLN B 60 11.72 -27.81 -18.98
N VAL B 61 12.07 -27.50 -17.74
CA VAL B 61 13.10 -26.52 -17.41
C VAL B 61 14.45 -27.06 -17.90
N GLY B 62 14.65 -28.36 -17.73
CA GLY B 62 15.87 -29.01 -18.15
C GLY B 62 16.00 -28.98 -19.65
N LEU B 63 14.93 -29.35 -20.33
CA LEU B 63 14.85 -29.28 -21.77
C LEU B 63 15.12 -27.86 -22.28
N ALA B 64 14.46 -26.88 -21.65
CA ALA B 64 14.68 -25.44 -21.95
C ALA B 64 16.15 -25.08 -21.87
N ILE B 65 16.79 -25.45 -20.78
CA ILE B 65 18.23 -25.18 -20.60
C ILE B 65 19.05 -25.86 -21.69
N ARG B 66 18.75 -27.14 -21.95
CA ARG B 66 19.55 -27.95 -22.90
C ARG B 66 19.44 -27.41 -24.30
N SER B 67 18.26 -26.92 -24.63
CA SER B 67 18.00 -26.34 -25.95
C SER B 67 18.83 -25.07 -26.23
N LYS B 68 19.02 -24.25 -25.20
CA LYS B 68 19.78 -23.01 -25.32
C LYS B 68 21.32 -23.21 -25.27
N ILE B 69 21.75 -24.35 -24.75
CA ILE B 69 23.12 -24.88 -24.94
C ILE B 69 23.30 -25.39 -26.38
N ALA B 70 22.35 -26.24 -26.80
CA ALA B 70 22.33 -26.80 -28.15
C ALA B 70 22.44 -25.73 -29.24
N ASP B 71 21.69 -24.63 -29.13
CA ASP B 71 21.70 -23.59 -30.17
C ASP B 71 22.77 -22.51 -29.97
N GLY B 72 23.72 -22.74 -29.08
CA GLY B 72 24.87 -21.85 -28.88
C GLY B 72 24.66 -20.56 -28.08
N SER B 73 23.46 -20.37 -27.53
CA SER B 73 23.17 -19.17 -26.75
C SER B 73 24.03 -19.13 -25.49
N VAL B 74 24.17 -20.29 -24.83
CA VAL B 74 24.87 -20.41 -23.56
C VAL B 74 25.60 -21.74 -23.43
N LYS B 75 26.54 -21.81 -22.51
CA LYS B 75 27.17 -23.07 -22.10
C LYS B 75 26.61 -23.45 -20.74
N ARG B 76 26.59 -24.74 -20.41
CA ARG B 76 26.18 -25.19 -19.08
C ARG B 76 26.83 -24.37 -17.94
N GLU B 77 28.07 -23.90 -18.15
CA GLU B 77 28.80 -23.16 -17.11
C GLU B 77 28.27 -21.75 -16.94
N ASP B 78 27.53 -21.25 -17.93
CA ASP B 78 26.85 -19.94 -17.82
C ASP B 78 25.58 -19.96 -16.95
N ILE B 79 25.02 -21.16 -16.79
CA ILE B 79 23.75 -21.38 -16.11
C ILE B 79 23.98 -21.82 -14.67
N PHE B 80 23.13 -21.31 -13.80
CA PHE B 80 23.10 -21.67 -12.40
C PHE B 80 21.70 -22.21 -12.11
N TYR B 81 21.53 -23.53 -12.11
CA TYR B 81 20.22 -24.13 -11.86
C TYR B 81 20.15 -24.67 -10.42
N THR B 82 19.03 -24.35 -9.77
CA THR B 82 18.75 -24.76 -8.43
C THR B 82 17.61 -25.75 -8.51
N SER B 83 17.79 -26.92 -7.90
CA SER B 83 16.67 -27.83 -7.59
C SER B 83 16.54 -27.87 -6.08
N LYS B 84 15.52 -28.59 -5.58
CA LYS B 84 15.21 -28.60 -4.16
C LYS B 84 14.69 -29.97 -3.70
N LEU B 85 15.22 -30.44 -2.60
CA LEU B 85 14.86 -31.75 -2.03
C LEU B 85 13.53 -31.68 -1.28
N TRP B 86 12.53 -32.43 -1.75
CA TRP B 86 11.20 -32.35 -1.18
C TRP B 86 11.12 -33.16 0.15
N CYS B 87 10.15 -32.76 0.98
CA CYS B 87 9.93 -33.24 2.30
C CYS B 87 9.85 -34.72 2.51
N ASN B 88 9.33 -35.44 1.51
CA ASN B 88 9.26 -36.90 1.62
C ASN B 88 10.58 -37.63 1.40
N SER B 89 11.64 -36.90 1.01
CA SER B 89 12.97 -37.49 0.94
C SER B 89 13.98 -36.96 1.97
N HIS B 90 13.47 -36.50 3.10
CA HIS B 90 14.30 -36.03 4.20
C HIS B 90 15.13 -37.13 4.84
N ARG B 91 14.71 -38.38 4.73
CA ARG B 91 15.53 -39.46 5.30
C ARG B 91 16.86 -39.54 4.53
N PRO B 92 17.98 -39.69 5.26
CA PRO B 92 19.31 -39.62 4.61
C PRO B 92 19.45 -40.52 3.38
N GLU B 93 19.05 -41.78 3.54
CA GLU B 93 19.15 -42.74 2.45
C GLU B 93 18.45 -42.25 1.15
N LEU B 94 17.42 -41.42 1.30
CA LEU B 94 16.55 -40.98 0.21
C LEU B 94 16.95 -39.64 -0.42
N VAL B 95 18.00 -39.00 0.07
CA VAL B 95 18.39 -37.67 -0.41
C VAL B 95 19.11 -37.75 -1.76
N ARG B 96 20.13 -38.58 -1.83
CA ARG B 96 20.85 -38.81 -3.07
C ARG B 96 19.95 -39.38 -4.22
N PRO B 97 19.16 -40.45 -3.95
CA PRO B 97 18.18 -40.90 -4.96
C PRO B 97 17.29 -39.78 -5.54
N ALA B 98 16.75 -38.94 -4.66
CA ALA B 98 15.93 -37.79 -5.04
C ALA B 98 16.68 -36.88 -5.99
N LEU B 99 17.88 -36.46 -5.58
CA LEU B 99 18.69 -35.56 -6.42
C LEU B 99 18.92 -36.16 -7.77
N GLU B 100 19.18 -37.46 -7.79
CA GLU B 100 19.45 -38.19 -9.03
C GLU B 100 18.26 -38.27 -9.96
N ARG B 101 17.07 -38.37 -9.38
CA ARG B 101 15.84 -38.43 -10.16
C ARG B 101 15.52 -37.08 -10.80
N SER B 102 15.71 -36.01 -10.02
CA SER B 102 15.65 -34.65 -10.58
C SER B 102 16.63 -34.48 -11.73
N LEU B 103 17.86 -34.93 -11.55
CA LEU B 103 18.84 -34.91 -12.64
C LEU B 103 18.46 -35.81 -13.86
N LYS B 104 17.86 -36.96 -13.59
CA LYS B 104 17.34 -37.82 -14.64
C LYS B 104 16.24 -37.11 -15.42
N ASN B 105 15.34 -36.41 -14.74
CA ASN B 105 14.29 -35.62 -15.41
C ASN B 105 14.82 -34.38 -16.06
N LEU B 106 15.71 -33.66 -15.40
CA LEU B 106 16.40 -32.54 -16.07
C LEU B 106 17.25 -33.00 -17.25
N GLN B 107 17.75 -34.22 -17.17
CA GLN B 107 18.78 -34.71 -18.07
C GLN B 107 20.01 -33.78 -18.07
N LEU B 108 20.37 -33.24 -16.89
CA LEU B 108 21.63 -32.57 -16.67
C LEU B 108 22.44 -33.46 -15.77
N ASP B 109 23.74 -33.17 -15.71
CA ASP B 109 24.68 -34.00 -14.93
C ASP B 109 24.93 -33.43 -13.53
N TYR B 110 24.60 -32.16 -13.31
CA TYR B 110 24.69 -31.58 -11.98
C TYR B 110 23.70 -30.41 -11.81
N VAL B 111 23.39 -30.10 -10.55
CA VAL B 111 22.74 -28.85 -10.22
C VAL B 111 23.81 -27.92 -9.67
N ASP B 112 23.64 -26.64 -9.88
CA ASP B 112 24.52 -25.66 -9.24
C ASP B 112 24.18 -25.51 -7.76
N LEU B 113 22.91 -25.74 -7.43
CA LEU B 113 22.45 -25.56 -6.07
C LEU B 113 21.36 -26.54 -5.73
N TYR B 114 21.50 -27.20 -4.57
CA TYR B 114 20.45 -28.07 -4.05
C TYR B 114 20.09 -27.68 -2.62
N LEU B 115 18.79 -27.47 -2.39
CA LEU B 115 18.26 -26.93 -1.14
C LEU B 115 17.39 -27.96 -0.45
N ILE B 116 17.35 -27.87 0.87
CA ILE B 116 16.32 -28.50 1.65
C ILE B 116 15.12 -27.56 1.51
N HIS B 117 14.13 -28.01 0.75
CA HIS B 117 13.01 -27.17 0.32
C HIS B 117 12.23 -26.60 1.48
N PHE B 118 11.79 -27.49 2.38
CA PHE B 118 11.00 -27.11 3.54
C PHE B 118 11.41 -27.94 4.74
N PRO B 119 11.43 -27.37 5.96
CA PRO B 119 12.06 -28.09 7.08
C PRO B 119 11.18 -29.08 7.86
N VAL B 120 9.91 -29.24 7.50
CA VAL B 120 9.02 -30.21 8.12
C VAL B 120 8.98 -31.45 7.25
N SER B 121 9.36 -32.59 7.79
CA SER B 121 9.39 -33.85 7.06
C SER B 121 8.00 -34.46 6.91
N VAL B 122 7.76 -35.16 5.79
CA VAL B 122 6.53 -35.94 5.59
C VAL B 122 6.87 -37.40 5.28
N LYS B 123 5.88 -38.27 5.49
CA LYS B 123 5.96 -39.71 5.28
C LYS B 123 6.47 -40.02 3.86
N PRO B 124 7.57 -40.81 3.74
CA PRO B 124 8.14 -41.27 2.45
C PRO B 124 7.13 -41.94 1.56
N GLY B 125 7.34 -41.86 0.26
CA GLY B 125 6.40 -42.45 -0.70
C GLY B 125 6.30 -41.54 -1.89
N GLU B 126 5.39 -41.87 -2.78
CA GLU B 126 5.21 -41.08 -3.99
C GLU B 126 4.34 -39.85 -3.74
N GLU B 127 3.38 -39.91 -2.80
CA GLU B 127 2.58 -38.72 -2.42
C GLU B 127 3.44 -37.50 -2.05
N VAL B 128 3.12 -36.36 -2.65
CA VAL B 128 3.78 -35.09 -2.38
C VAL B 128 3.48 -34.67 -0.95
N ILE B 129 2.19 -34.57 -0.65
CA ILE B 129 1.72 -34.20 0.67
C ILE B 129 0.80 -35.32 1.18
N PRO B 130 1.38 -36.40 1.76
CA PRO B 130 0.58 -37.56 2.20
C PRO B 130 -0.28 -37.21 3.39
N LYS B 131 -1.54 -37.64 3.38
CA LYS B 131 -2.49 -37.33 4.46
C LYS B 131 -3.28 -38.55 4.90
N ASP B 132 -3.76 -38.50 6.14
CA ASP B 132 -4.62 -39.57 6.66
C ASP B 132 -6.10 -39.35 6.25
N GLU B 133 -6.91 -40.39 6.51
CA GLU B 133 -8.37 -40.38 6.33
C GLU B 133 -9.12 -39.31 7.17
N ASN B 134 -8.63 -39.02 8.38
CA ASN B 134 -9.10 -37.84 9.16
C ASN B 134 -8.56 -36.48 8.62
N GLY B 135 -7.80 -36.49 7.52
CA GLY B 135 -7.52 -35.30 6.72
C GLY B 135 -6.13 -34.68 6.87
N LYS B 136 -5.40 -35.10 7.90
CA LYS B 136 -4.17 -34.40 8.28
C LYS B 136 -2.89 -35.05 7.72
N ILE B 137 -1.85 -34.21 7.59
CA ILE B 137 -0.58 -34.54 6.96
C ILE B 137 0.19 -35.62 7.74
N LEU B 138 0.62 -36.66 7.03
CA LEU B 138 1.44 -37.73 7.59
C LEU B 138 2.88 -37.23 7.76
N PHE B 139 3.11 -36.55 8.88
CA PHE B 139 4.45 -36.06 9.28
C PHE B 139 5.38 -37.21 9.64
N ASP B 140 6.63 -37.08 9.22
CA ASP B 140 7.67 -38.07 9.47
C ASP B 140 8.62 -37.43 10.47
N THR B 141 9.36 -38.27 11.20
CA THR B 141 10.26 -37.81 12.25
C THR B 141 11.69 -38.07 11.82
N VAL B 142 12.34 -37.03 11.32
CA VAL B 142 13.68 -37.10 10.77
C VAL B 142 14.51 -35.98 11.37
N ASP B 143 15.80 -36.23 11.51
CA ASP B 143 16.72 -35.26 12.02
C ASP B 143 17.31 -34.46 10.87
N LEU B 144 16.94 -33.19 10.75
CA LEU B 144 17.39 -32.35 9.61
C LEU B 144 18.92 -32.23 9.51
N CYS B 145 19.60 -32.34 10.65
CA CYS B 145 21.07 -32.45 10.67
C CYS B 145 21.61 -33.69 9.98
N ALA B 146 20.87 -34.81 10.03
CA ALA B 146 21.24 -36.02 9.28
C ALA B 146 20.92 -35.78 7.81
N THR B 147 19.71 -35.27 7.54
CA THR B 147 19.36 -34.85 6.18
C THR B 147 20.51 -33.99 5.61
N TRP B 148 21.00 -33.05 6.41
CA TRP B 148 22.08 -32.17 6.00
C TRP B 148 23.38 -32.91 5.64
N GLU B 149 23.72 -33.93 6.42
CA GLU B 149 24.93 -34.75 6.14
C GLU B 149 24.82 -35.44 4.79
N ALA B 150 23.61 -35.88 4.46
CA ALA B 150 23.31 -36.55 3.20
C ALA B 150 23.41 -35.57 2.05
N VAL B 151 22.92 -34.36 2.27
CA VAL B 151 23.08 -33.25 1.32
C VAL B 151 24.57 -32.91 1.11
N GLU B 152 25.37 -32.90 2.18
CA GLU B 152 26.84 -32.62 2.07
C GLU B 152 27.59 -33.64 1.23
N LYS B 153 27.18 -34.91 1.36
CA LYS B 153 27.66 -35.98 0.49
C LYS B 153 27.28 -35.80 -0.99
N CYS B 154 26.11 -35.21 -1.26
CA CYS B 154 25.75 -34.83 -2.65
C CYS B 154 26.72 -33.79 -3.25
N LYS B 155 27.16 -32.83 -2.44
CA LYS B 155 28.23 -31.93 -2.85
C LYS B 155 29.56 -32.66 -3.00
N ASP B 156 29.86 -33.58 -2.08
CA ASP B 156 31.10 -34.37 -2.16
C ASP B 156 31.23 -35.11 -3.48
N ALA B 157 30.15 -35.74 -3.90
CA ALA B 157 30.13 -36.52 -5.16
C ALA B 157 30.33 -35.60 -6.34
N GLY B 158 29.78 -34.38 -6.23
CA GLY B 158 29.76 -33.42 -7.34
C GLY B 158 28.45 -33.36 -8.09
N LEU B 159 27.42 -34.01 -7.54
CA LEU B 159 26.05 -33.90 -8.02
C LEU B 159 25.49 -32.45 -7.89
N ALA B 160 25.80 -31.79 -6.77
CA ALA B 160 25.41 -30.41 -6.51
C ALA B 160 26.67 -29.58 -6.30
N LYS B 161 26.78 -28.45 -7.00
CA LYS B 161 27.98 -27.58 -6.89
C LYS B 161 28.02 -26.83 -5.58
N SER B 162 26.85 -26.39 -5.11
CA SER B 162 26.64 -25.86 -3.74
C SER B 162 25.35 -26.44 -3.17
N ILE B 163 25.17 -26.25 -1.87
CA ILE B 163 24.01 -26.71 -1.13
C ILE B 163 23.60 -25.63 -0.13
N GLY B 164 22.31 -25.53 0.14
CA GLY B 164 21.75 -24.48 0.99
C GLY B 164 20.44 -24.96 1.53
N VAL B 165 19.66 -24.07 2.14
CA VAL B 165 18.33 -24.43 2.70
C VAL B 165 17.26 -23.40 2.31
N SER B 166 15.99 -23.73 2.58
CA SER B 166 14.87 -22.85 2.27
C SER B 166 13.81 -22.94 3.36
N ASN B 167 13.16 -21.82 3.64
CA ASN B 167 12.15 -21.71 4.70
C ASN B 167 12.64 -22.06 6.11
N PHE B 168 13.92 -21.80 6.39
CA PHE B 168 14.50 -22.05 7.69
C PHE B 168 14.38 -20.79 8.51
N ASN B 169 13.90 -20.90 9.74
CA ASN B 169 14.03 -19.82 10.72
C ASN B 169 15.44 -19.79 11.31
N ARG B 170 15.71 -18.76 12.11
CA ARG B 170 17.03 -18.52 12.66
C ARG B 170 17.56 -19.70 13.48
N ARG B 171 16.75 -20.21 14.40
CA ARG B 171 17.18 -21.35 15.24
C ARG B 171 17.51 -22.59 14.40
N GLN B 172 16.80 -22.77 13.29
CA GLN B 172 17.04 -23.92 12.39
C GLN B 172 18.33 -23.76 11.59
N LEU B 173 18.66 -22.51 11.27
CA LEU B 173 19.97 -22.18 10.72
C LEU B 173 21.03 -22.48 11.80
N GLU B 174 20.85 -21.90 13.00
CA GLU B 174 21.78 -22.09 14.13
C GLU B 174 22.05 -23.56 14.32
N MET B 175 21.00 -24.37 14.33
CA MET B 175 21.12 -25.84 14.47
C MET B 175 22.09 -26.46 13.48
N ILE B 176 22.04 -26.01 12.24
CA ILE B 176 22.96 -26.50 11.21
C ILE B 176 24.37 -25.99 11.51
N LEU B 177 24.48 -24.71 11.87
CA LEU B 177 25.80 -24.09 12.07
C LEU B 177 26.51 -24.62 13.32
N ASN B 178 25.72 -25.06 14.29
CA ASN B 178 26.18 -25.79 15.50
C ASN B 178 26.30 -27.31 15.36
N LYS B 179 25.94 -27.90 14.23
CA LYS B 179 26.09 -29.34 14.07
C LYS B 179 27.58 -29.70 14.09
N PRO B 180 27.98 -30.68 14.92
CA PRO B 180 29.38 -31.15 14.93
C PRO B 180 29.74 -31.88 13.64
N GLY B 181 31.00 -31.81 13.24
CA GLY B 181 31.43 -32.39 11.98
C GLY B 181 30.91 -31.67 10.74
N LEU B 182 30.33 -30.47 10.92
CA LEU B 182 29.85 -29.67 9.78
C LEU B 182 30.94 -29.60 8.73
N LYS B 183 30.63 -30.05 7.52
CA LYS B 183 31.57 -29.97 6.41
C LYS B 183 31.38 -28.67 5.65
N TYR B 184 30.13 -28.39 5.27
CA TYR B 184 29.78 -27.24 4.42
C TYR B 184 28.62 -26.48 5.04
N LYS B 185 28.73 -25.15 5.12
CA LYS B 185 27.61 -24.33 5.60
C LYS B 185 26.55 -24.28 4.50
N PRO B 186 25.32 -23.89 4.85
CA PRO B 186 24.36 -23.49 3.82
C PRO B 186 24.89 -22.28 3.05
N VAL B 187 25.00 -22.36 1.73
CA VAL B 187 25.37 -21.17 0.95
C VAL B 187 24.29 -20.10 0.99
N CYS B 188 23.05 -20.50 1.25
CA CYS B 188 21.95 -19.57 1.28
C CYS B 188 20.79 -20.07 2.11
N ASN B 189 19.83 -19.17 2.32
CA ASN B 189 18.52 -19.52 2.85
C ASN B 189 17.43 -18.84 1.98
N GLN B 190 16.72 -19.64 1.19
CA GLN B 190 15.70 -19.11 0.28
C GLN B 190 14.41 -18.94 1.04
N VAL B 191 13.98 -17.69 1.22
CA VAL B 191 12.78 -17.39 2.00
C VAL B 191 11.93 -16.36 1.28
N GLU B 192 10.67 -16.24 1.72
CA GLU B 192 9.76 -15.19 1.25
C GLU B 192 10.27 -13.86 1.72
N CYS B 193 10.40 -12.93 0.78
CA CYS B 193 10.90 -11.62 1.08
C CYS B 193 10.46 -10.61 0.04
N HIS B 194 9.88 -9.51 0.50
CA HIS B 194 9.40 -8.45 -0.36
C HIS B 194 9.12 -7.27 0.55
N PRO B 195 8.84 -6.07 0.02
CA PRO B 195 8.54 -4.88 0.85
C PRO B 195 7.46 -5.01 1.95
N TYR B 196 6.46 -5.87 1.77
CA TYR B 196 5.49 -6.16 2.84
C TYR B 196 5.94 -7.19 3.85
N PHE B 197 7.03 -7.88 3.56
CA PHE B 197 7.70 -8.82 4.49
C PHE B 197 9.20 -8.80 4.20
N ASN B 198 9.86 -7.71 4.61
CA ASN B 198 11.24 -7.43 4.18
C ASN B 198 12.36 -8.23 4.86
N GLN B 199 12.02 -8.99 5.92
CA GLN B 199 12.96 -9.95 6.54
C GLN B 199 14.25 -9.35 7.14
N ARG B 200 14.16 -8.11 7.62
CA ARG B 200 15.33 -7.37 8.13
C ARG B 200 16.07 -8.16 9.21
N LYS B 201 15.35 -8.66 10.21
CA LYS B 201 15.94 -9.47 11.31
C LYS B 201 16.62 -10.77 10.85
N LEU B 202 15.96 -11.50 9.94
CA LEU B 202 16.50 -12.75 9.36
C LEU B 202 17.62 -12.49 8.36
N LEU B 203 17.44 -11.44 7.57
CA LEU B 203 18.46 -10.96 6.62
C LEU B 203 19.75 -10.57 7.33
N ASP B 204 19.66 -9.83 8.44
CA ASP B 204 20.86 -9.43 9.19
C ASP B 204 21.64 -10.62 9.72
N PHE B 205 20.95 -11.54 10.41
CA PHE B 205 21.57 -12.78 10.87
C PHE B 205 22.34 -13.43 9.71
N CYS B 206 21.65 -13.56 8.59
CA CYS B 206 22.22 -14.27 7.44
C CYS B 206 23.51 -13.67 6.99
N LYS B 207 23.55 -12.34 6.92
CA LYS B 207 24.76 -11.60 6.60
C LYS B 207 25.84 -11.73 7.68
N SER B 208 25.44 -11.69 8.95
CA SER B 208 26.38 -11.93 10.05
C SER B 208 26.88 -13.37 10.10
N LYS B 209 26.33 -14.24 9.25
CA LYS B 209 26.80 -15.60 9.11
C LYS B 209 27.31 -16.00 7.69
N ASP B 210 27.51 -15.05 6.78
CA ASP B 210 27.96 -15.33 5.39
C ASP B 210 27.00 -16.32 4.67
N ILE B 211 25.70 -16.12 4.92
CA ILE B 211 24.66 -16.88 4.24
C ILE B 211 23.83 -15.92 3.40
N VAL B 212 23.77 -16.17 2.10
CA VAL B 212 22.92 -15.37 1.18
C VAL B 212 21.41 -15.62 1.40
N LEU B 213 20.66 -14.52 1.53
CA LEU B 213 19.20 -14.60 1.52
C LEU B 213 18.70 -14.42 0.07
N VAL B 214 17.99 -15.42 -0.42
CA VAL B 214 17.45 -15.44 -1.80
C VAL B 214 15.97 -15.25 -1.65
N ALA B 215 15.48 -14.09 -2.09
CA ALA B 215 14.06 -13.72 -1.95
C ALA B 215 13.23 -14.48 -2.96
N TYR B 216 12.15 -15.09 -2.46
CA TYR B 216 11.05 -15.58 -3.27
C TYR B 216 9.75 -14.86 -2.99
N SER B 217 8.81 -15.05 -3.91
CA SER B 217 7.57 -14.26 -3.91
C SER B 217 7.85 -12.75 -3.79
N ALA B 218 8.93 -12.33 -4.44
CA ALA B 218 9.45 -10.97 -4.39
C ALA B 218 8.59 -9.94 -5.09
N LEU B 219 7.70 -10.41 -5.98
CA LEU B 219 6.70 -9.58 -6.68
C LEU B 219 5.30 -9.78 -6.10
N GLY B 220 5.27 -10.42 -4.93
CA GLY B 220 4.07 -10.63 -4.14
C GLY B 220 3.36 -11.96 -4.38
N SER B 221 4.06 -12.92 -4.98
CA SER B 221 3.54 -14.28 -5.06
C SER B 221 2.65 -14.52 -6.28
N HIS B 222 2.54 -15.80 -6.64
CA HIS B 222 1.54 -16.32 -7.60
C HIS B 222 0.08 -16.12 -7.21
N ARG B 223 -0.21 -15.81 -5.96
CA ARG B 223 -1.59 -15.69 -5.43
C ARG B 223 -2.54 -16.91 -5.62
N GLU B 224 -1.99 -18.06 -5.99
CA GLU B 224 -2.73 -19.33 -6.01
C GLU B 224 -3.43 -19.62 -4.68
N GLU B 225 -4.72 -19.96 -4.75
CA GLU B 225 -5.39 -20.56 -3.61
C GLU B 225 -5.13 -22.09 -3.60
N PRO B 226 -5.07 -22.70 -2.40
CA PRO B 226 -5.34 -22.11 -1.09
C PRO B 226 -4.10 -21.60 -0.35
N TRP B 227 -2.96 -21.53 -1.04
CA TRP B 227 -1.67 -21.21 -0.42
C TRP B 227 -1.62 -19.74 -0.05
N VAL B 228 -2.40 -18.91 -0.75
CA VAL B 228 -2.46 -17.46 -0.50
C VAL B 228 -3.90 -16.96 -0.30
N ASP B 229 -4.15 -16.41 0.88
CA ASP B 229 -5.38 -15.68 1.18
C ASP B 229 -5.61 -14.68 0.06
N PRO B 230 -6.76 -14.75 -0.64
CA PRO B 230 -7.08 -13.77 -1.68
C PRO B 230 -7.42 -12.36 -1.17
N ASN B 231 -7.61 -12.19 0.13
CA ASN B 231 -7.73 -10.86 0.73
C ASN B 231 -6.39 -10.26 1.08
N SER B 232 -5.31 -10.98 0.84
CA SER B 232 -4.00 -10.41 1.06
C SER B 232 -3.84 -9.22 0.12
N PRO B 233 -3.24 -8.12 0.59
CA PRO B 233 -3.00 -6.98 -0.32
C PRO B 233 -2.11 -7.36 -1.52
N VAL B 234 -2.37 -6.76 -2.68
CA VAL B 234 -1.59 -7.04 -3.88
C VAL B 234 -0.33 -6.14 -3.88
N LEU B 235 0.85 -6.76 -3.80
CA LEU B 235 2.11 -6.03 -3.64
C LEU B 235 2.33 -4.99 -4.71
N LEU B 236 2.15 -5.37 -5.97
CA LEU B 236 2.44 -4.48 -7.10
C LEU B 236 1.46 -3.34 -7.21
N GLU B 237 0.35 -3.39 -6.47
CA GLU B 237 -0.56 -2.23 -6.39
C GLU B 237 -0.19 -1.15 -5.35
N ASP B 238 1.00 -1.28 -4.74
CA ASP B 238 1.43 -0.41 -3.67
C ASP B 238 1.70 1.01 -4.20
N PRO B 239 1.25 2.02 -3.44
CA PRO B 239 1.43 3.43 -3.72
C PRO B 239 2.86 3.84 -4.02
N VAL B 240 3.75 3.41 -3.13
CA VAL B 240 5.13 3.88 -3.10
C VAL B 240 5.88 3.20 -4.23
N LEU B 241 5.68 1.89 -4.41
CA LEU B 241 6.26 1.19 -5.58
C LEU B 241 5.78 1.83 -6.88
N CYS B 242 4.49 2.16 -6.93
CA CYS B 242 3.93 2.84 -8.10
C CYS B 242 4.52 4.23 -8.28
N ALA B 243 4.70 4.97 -7.20
CA ALA B 243 5.29 6.32 -7.25
C ALA B 243 6.70 6.24 -7.83
N LEU B 244 7.53 5.45 -7.18
CA LEU B 244 8.92 5.26 -7.60
C LEU B 244 8.98 4.80 -9.08
N ALA B 245 7.98 4.02 -9.51
CA ALA B 245 7.93 3.53 -10.87
C ALA B 245 7.79 4.69 -11.81
N LYS B 246 6.80 5.56 -11.54
CA LYS B 246 6.62 6.81 -12.31
C LYS B 246 7.88 7.67 -12.31
N LYS B 247 8.46 7.84 -11.13
CA LYS B 247 9.62 8.70 -10.96
C LYS B 247 10.86 8.17 -11.70
N HIS B 248 11.06 6.86 -11.72
CA HIS B 248 12.21 6.28 -12.41
C HIS B 248 11.87 5.86 -13.83
N LYS B 249 10.60 6.02 -14.23
CA LYS B 249 10.08 5.47 -15.48
C LYS B 249 10.41 3.99 -15.65
N ARG B 250 10.20 3.24 -14.57
CA ARG B 250 10.29 1.80 -14.55
C ARG B 250 8.92 1.28 -14.13
N THR B 251 8.82 0.04 -13.67
CA THR B 251 7.54 -0.52 -13.21
C THR B 251 7.64 -0.79 -11.71
N PRO B 252 6.50 -1.01 -11.04
CA PRO B 252 6.50 -1.44 -9.65
C PRO B 252 7.22 -2.75 -9.42
N ALA B 253 7.21 -3.64 -10.42
CA ALA B 253 7.96 -4.88 -10.34
C ALA B 253 9.42 -4.57 -10.26
N LEU B 254 9.90 -3.74 -11.20
CA LEU B 254 11.32 -3.37 -11.24
C LEU B 254 11.85 -2.70 -9.97
N ILE B 255 11.00 -1.93 -9.32
CA ILE B 255 11.30 -1.28 -8.06
C ILE B 255 11.47 -2.34 -6.96
N ALA B 256 10.48 -3.23 -6.85
CA ALA B 256 10.49 -4.29 -5.86
C ALA B 256 11.70 -5.17 -6.04
N LEU B 257 12.06 -5.49 -7.29
CA LEU B 257 13.29 -6.25 -7.55
C LEU B 257 14.55 -5.48 -7.16
N ARG B 258 14.57 -4.18 -7.51
CA ARG B 258 15.75 -3.38 -7.28
C ARG B 258 16.03 -3.18 -5.80
N TYR B 259 14.98 -2.99 -5.02
CA TYR B 259 15.08 -2.92 -3.56
C TYR B 259 15.90 -4.09 -2.95
N GLN B 260 15.68 -5.30 -3.43
CA GLN B 260 16.37 -6.48 -2.91
C GLN B 260 17.84 -6.45 -3.25
N LEU B 261 18.13 -6.26 -4.53
CA LEU B 261 19.51 -6.18 -4.97
C LEU B 261 20.34 -5.19 -4.14
N GLN B 262 19.72 -4.05 -3.80
CA GLN B 262 20.39 -3.02 -3.03
C GLN B 262 20.58 -3.29 -1.54
N ARG B 263 19.96 -4.35 -1.03
CA ARG B 263 20.21 -4.80 0.35
C ARG B 263 21.04 -6.06 0.35
N GLY B 264 21.65 -6.42 -0.78
CA GLY B 264 22.44 -7.64 -0.88
C GLY B 264 21.60 -8.91 -0.76
N VAL B 265 20.31 -8.81 -1.11
CA VAL B 265 19.46 -9.98 -1.27
C VAL B 265 19.53 -10.40 -2.73
N VAL B 266 19.65 -11.69 -2.96
CA VAL B 266 19.51 -12.26 -4.30
C VAL B 266 18.01 -12.46 -4.50
N VAL B 267 17.49 -12.00 -5.62
CA VAL B 267 16.04 -11.96 -5.85
C VAL B 267 15.61 -12.83 -7.01
N LEU B 268 14.49 -13.52 -6.82
CA LEU B 268 13.85 -14.35 -7.84
C LEU B 268 12.72 -13.57 -8.43
N ALA B 269 12.39 -13.90 -9.68
CA ALA B 269 11.23 -13.32 -10.39
C ALA B 269 10.67 -14.31 -11.38
N LYS B 270 9.42 -14.72 -11.15
CA LYS B 270 8.71 -15.59 -12.07
C LYS B 270 7.90 -14.74 -13.01
N SER B 271 7.86 -15.14 -14.28
CA SER B 271 6.91 -14.62 -15.25
C SER B 271 6.87 -15.63 -16.41
N TYR B 272 5.69 -15.90 -16.96
CA TYR B 272 5.59 -16.66 -18.21
C TYR B 272 5.14 -15.73 -19.36
N ASN B 273 5.35 -14.42 -19.21
CA ASN B 273 4.92 -13.44 -20.19
C ASN B 273 6.15 -12.85 -20.79
N GLU B 274 6.30 -13.02 -22.10
CA GLU B 274 7.50 -12.60 -22.80
C GLU B 274 7.94 -11.17 -22.45
N GLN B 275 6.97 -10.26 -22.34
CA GLN B 275 7.28 -8.85 -22.11
C GLN B 275 7.83 -8.60 -20.69
N ARG B 276 7.20 -9.21 -19.70
CA ARG B 276 7.61 -9.03 -18.32
C ARG B 276 8.93 -9.77 -18.03
N ILE B 277 9.05 -10.97 -18.59
CA ILE B 277 10.34 -11.65 -18.67
C ILE B 277 11.46 -10.69 -19.11
N ARG B 278 11.28 -10.04 -20.25
CA ARG B 278 12.29 -9.11 -20.79
C ARG B 278 12.42 -7.88 -19.91
N GLN B 279 11.29 -7.31 -19.52
CA GLN B 279 11.25 -6.18 -18.59
C GLN B 279 12.06 -6.41 -17.32
N ASN B 280 11.90 -7.59 -16.72
CA ASN B 280 12.54 -7.89 -15.43
C ASN B 280 14.06 -7.85 -15.40
N VAL B 281 14.74 -8.17 -16.50
CA VAL B 281 16.21 -8.08 -16.49
C VAL B 281 16.73 -6.63 -16.44
N GLN B 282 15.89 -5.68 -16.84
CA GLN B 282 16.26 -4.25 -16.72
C GLN B 282 16.50 -3.77 -15.29
N VAL B 283 16.36 -4.65 -14.27
CA VAL B 283 16.72 -4.31 -12.88
C VAL B 283 18.17 -3.83 -12.74
N PHE B 284 19.05 -4.25 -13.64
CA PHE B 284 20.42 -3.74 -13.66
C PHE B 284 20.62 -2.37 -14.36
N GLU B 285 19.55 -1.70 -14.79
CA GLU B 285 19.66 -0.45 -15.56
C GLU B 285 19.18 0.83 -14.84
N PHE B 286 18.97 0.76 -13.53
CA PHE B 286 18.74 1.96 -12.75
C PHE B 286 19.14 1.67 -11.32
N GLN B 287 19.10 2.69 -10.49
CA GLN B 287 19.24 2.47 -9.07
C GLN B 287 18.43 3.45 -8.24
N LEU B 288 18.25 3.05 -6.99
CA LEU B 288 17.39 3.73 -6.05
C LEU B 288 18.28 4.50 -5.09
N THR B 289 17.77 5.60 -4.57
CA THR B 289 18.49 6.40 -3.55
C THR B 289 18.32 5.81 -2.16
N SER B 290 19.22 6.12 -1.24
CA SER B 290 19.05 5.70 0.15
C SER B 290 17.73 6.15 0.71
N GLU B 291 17.26 7.33 0.30
CA GLU B 291 16.00 7.90 0.79
C GLU B 291 14.84 7.07 0.25
N GLU B 292 14.87 6.77 -1.04
CA GLU B 292 13.91 5.86 -1.62
C GLU B 292 13.95 4.45 -0.98
N MET B 293 15.13 3.86 -0.94
CA MET B 293 15.35 2.60 -0.24
C MET B 293 14.76 2.57 1.16
N LYS B 294 14.91 3.68 1.87
CA LYS B 294 14.35 3.89 3.23
C LYS B 294 12.81 3.97 3.18
N ALA B 295 12.27 4.65 2.17
CA ALA B 295 10.83 4.67 1.94
C ALA B 295 10.31 3.22 1.84
N ILE B 296 10.98 2.43 1.02
CA ILE B 296 10.59 1.06 0.76
C ILE B 296 10.66 0.24 2.05
N ASP B 297 11.75 0.38 2.82
CA ASP B 297 11.84 -0.14 4.22
C ASP B 297 10.59 0.20 5.06
N GLY B 298 10.04 1.41 4.91
CA GLY B 298 8.82 1.80 5.64
C GLY B 298 7.51 1.14 5.23
N LEU B 299 7.51 0.37 4.14
CA LEU B 299 6.31 -0.33 3.69
C LEU B 299 6.05 -1.63 4.44
N ASN B 300 6.94 -2.04 5.33
CA ASN B 300 6.79 -3.37 5.96
C ASN B 300 5.46 -3.52 6.69
N ARG B 301 4.60 -4.40 6.15
CA ARG B 301 3.28 -4.69 6.69
C ARG B 301 3.25 -5.96 7.49
N ASN B 302 4.39 -6.66 7.51
CA ASN B 302 4.52 -7.93 8.17
C ASN B 302 3.40 -8.92 7.75
N VAL B 303 3.25 -9.09 6.45
CA VAL B 303 2.30 -10.06 5.90
C VAL B 303 2.98 -11.12 5.05
N ARG B 304 2.69 -12.37 5.41
CA ARG B 304 3.19 -13.54 4.73
C ARG B 304 2.14 -14.05 3.76
N TYR B 305 2.40 -13.91 2.47
CA TYR B 305 1.53 -14.55 1.49
C TYR B 305 1.53 -16.08 1.67
N LEU B 306 2.73 -16.66 1.84
CA LEU B 306 2.88 -18.13 2.02
C LEU B 306 3.09 -18.53 3.47
N THR B 307 1.98 -18.60 4.21
CA THR B 307 1.94 -19.00 5.62
C THR B 307 2.25 -20.48 5.76
N LEU B 308 1.80 -21.26 4.81
CA LEU B 308 2.02 -22.70 4.82
C LEU B 308 1.43 -23.40 6.08
N ASP B 309 0.21 -22.96 6.45
CA ASP B 309 -0.54 -23.48 7.61
C ASP B 309 -0.67 -24.98 7.67
N ILE B 310 -0.92 -25.60 6.51
CA ILE B 310 -1.09 -27.04 6.47
C ILE B 310 0.06 -27.75 7.21
N PHE B 311 1.28 -27.21 7.10
CA PHE B 311 2.46 -27.78 7.73
C PHE B 311 2.63 -27.42 9.20
N ALA B 312 1.72 -26.59 9.74
CA ALA B 312 1.75 -26.22 11.15
C ALA B 312 1.50 -27.45 12.03
N GLY B 313 1.96 -27.36 13.28
CA GLY B 313 1.73 -28.40 14.29
C GLY B 313 3.06 -28.86 14.80
N PRO B 314 3.83 -29.57 13.97
CA PRO B 314 5.13 -30.01 14.39
C PRO B 314 6.13 -28.88 14.68
N PRO B 315 7.17 -29.18 15.48
CA PRO B 315 8.19 -28.23 15.93
C PRO B 315 8.96 -27.52 14.84
N ASN B 316 9.35 -28.25 13.79
CA ASN B 316 10.04 -27.66 12.64
C ASN B 316 9.22 -26.72 11.74
N TYR B 317 7.92 -26.58 12.00
CA TYR B 317 7.12 -25.59 11.30
C TYR B 317 7.79 -24.25 11.56
N PRO B 318 8.39 -23.64 10.51
CA PRO B 318 9.38 -22.61 10.78
C PRO B 318 8.89 -21.20 11.10
N PHE B 319 7.60 -20.90 10.91
CA PHE B 319 7.13 -19.49 11.02
C PHE B 319 6.41 -19.15 12.32
N SER B 320 6.45 -20.06 13.29
CA SER B 320 5.92 -19.75 14.63
C SER B 320 6.82 -18.70 15.25
N ASP B 321 8.13 -18.95 15.20
CA ASP B 321 9.13 -18.06 15.75
C ASP B 321 9.01 -16.64 15.21
N GLU B 322 9.63 -15.71 15.92
CA GLU B 322 9.65 -14.32 15.48
C GLU B 322 10.32 -14.27 14.13
N TYR B 323 11.48 -14.93 14.03
CA TYR B 323 12.18 -15.12 12.77
C TYR B 323 13.16 -16.28 12.85
PA NAP C . -20.78 26.06 -0.12
O1A NAP C . -19.76 25.60 -1.13
O2A NAP C . -20.46 27.12 0.88
O5B NAP C . -22.07 26.74 -0.81
C5B NAP C . -22.20 26.46 -2.17
C4B NAP C . -23.52 26.94 -2.68
O4B NAP C . -23.29 28.26 -3.16
C3B NAP C . -23.98 26.10 -3.87
O3B NAP C . -25.40 26.07 -3.88
C2B NAP C . -23.46 26.86 -5.07
O2B NAP C . -24.35 26.76 -6.15
C1B NAP C . -23.46 28.30 -4.59
N9A NAP C . -22.41 29.14 -5.17
C8A NAP C . -21.14 28.77 -5.50
N7A NAP C . -20.45 29.81 -6.03
C5A NAP C . -21.29 30.86 -6.02
C6A NAP C . -21.18 32.25 -6.43
N6A NAP C . -20.05 32.69 -6.95
N1A NAP C . -22.27 33.04 -6.29
C2A NAP C . -23.44 32.56 -5.78
N3A NAP C . -23.59 31.30 -5.38
C4A NAP C . -22.57 30.43 -5.46
O3 NAP C . -21.46 24.84 0.67
PN NAP C . -21.16 23.26 0.70
O1N NAP C . -21.43 22.70 -0.65
O2N NAP C . -21.98 22.79 1.90
O5D NAP C . -19.58 23.08 0.99
C5D NAP C . -18.66 22.86 -0.08
C4D NAP C . -17.81 21.63 0.13
O4D NAP C . -17.40 21.54 1.47
C3D NAP C . -18.55 20.32 -0.15
O3D NAP C . -18.61 19.97 -1.54
C2D NAP C . -17.67 19.36 0.59
O2D NAP C . -16.54 19.14 -0.26
C1D NAP C . -17.25 20.17 1.79
N1N NAP C . -18.01 19.90 3.02
C2N NAP C . -17.39 19.16 3.97
C3N NAP C . -17.99 18.84 5.18
C7N NAP C . -17.23 18.03 6.20
O7N NAP C . -16.03 17.84 6.06
N7N NAP C . -17.83 17.57 7.28
C4N NAP C . -19.27 19.37 5.42
C5N NAP C . -19.86 20.15 4.43
C6N NAP C . -19.22 20.43 3.22
P2B NAP C . -23.94 26.30 -7.61
O1X NAP C . -23.25 24.95 -7.49
O2X NAP C . -25.35 26.28 -8.14
O3X NAP C . -23.13 27.41 -8.19
O3 GBM D . -19.35 15.86 4.64
O4 GBM D . -22.43 18.76 4.07
O5 GBM D . -21.78 18.60 1.68
O6 GBM D . -24.88 10.38 1.14
CL1 GBM D . -26.38 6.02 -1.15
S2 GBM D . -21.97 17.98 2.96
O7 GBM D . -27.74 8.92 3.77
N8 GBM D . -21.42 16.56 5.36
N9 GBM D . -20.52 17.32 3.35
N10 GBM D . -26.21 10.91 2.87
C11 GBM D . -21.58 15.83 6.61
C12 GBM D . -20.34 15.75 7.49
C13 GBM D . -22.18 14.46 6.40
C14 GBM D . -20.34 14.49 8.36
C15 GBM D . -22.70 13.89 7.72
C16 GBM D . -21.72 14.13 8.86
C17 GBM D . -20.35 16.55 4.50
C18 GBM D . -23.08 16.63 2.75
C19 GBM D . -24.76 14.42 2.67
C20 GBM D . -25.73 13.27 2.49
C21 GBM D . -22.67 15.49 2.09
C22 GBM D . -24.34 16.69 3.35
C23 GBM D . -23.50 14.38 2.07
C24 GBM D . -25.16 15.58 3.31
C25 GBM D . -25.42 12.07 3.29
C26 GBM D . -25.81 10.09 1.90
C27 GBM D . -26.51 8.77 1.76
C28 GBM D . -27.37 8.15 2.68
C29 GBM D . -26.20 8.08 0.57
C30 GBM D . -27.87 6.87 2.44
C31 GBM D . -26.73 6.83 0.35
C32 GBM D . -27.55 6.21 1.26
C33 GBM D . -28.30 8.27 4.92
PA NAP E . 6.66 -13.88 -7.77
O1A NAP E . 7.97 -13.85 -8.50
O2A NAP E . 6.41 -13.24 -6.43
O5B NAP E . 5.47 -13.09 -8.54
C5B NAP E . 5.04 -13.61 -9.77
C4B NAP E . 3.80 -12.91 -10.24
O4B NAP E . 4.18 -11.61 -10.72
C3B NAP E . 3.26 -13.71 -11.43
O3B NAP E . 1.83 -13.78 -11.32
C2B NAP E . 3.73 -12.91 -12.63
O2B NAP E . 2.80 -13.02 -13.68
C1B NAP E . 3.81 -11.48 -12.09
N9A NAP E . 4.81 -10.59 -12.69
C8A NAP E . 6.09 -10.91 -12.96
N7A NAP E . 6.80 -9.88 -13.49
C5A NAP E . 5.93 -8.85 -13.54
C6A NAP E . 6.01 -7.44 -13.99
N6A NAP E . 7.15 -6.95 -14.47
N1A NAP E . 4.92 -6.68 -13.91
C2A NAP E . 3.75 -7.19 -13.42
N3A NAP E . 3.61 -8.46 -12.98
C4A NAP E . 4.64 -9.33 -13.01
O3 NAP E . 6.15 -15.38 -7.99
PN NAP E . 6.32 -16.65 -7.06
O1N NAP E . 6.15 -17.82 -7.97
O2N NAP E . 5.47 -16.45 -5.84
O5D NAP E . 7.88 -16.53 -6.72
C5D NAP E . 8.86 -16.77 -7.74
C4D NAP E . 9.59 -18.10 -7.59
O4D NAP E . 10.18 -18.32 -6.30
C3D NAP E . 8.74 -19.33 -7.85
O3D NAP E . 8.38 -19.47 -9.23
C2D NAP E . 9.63 -20.41 -7.25
O2D NAP E . 10.69 -20.77 -8.13
C1D NAP E . 10.25 -19.74 -6.04
N1N NAP E . 9.55 -20.02 -4.76
C2N NAP E . 10.16 -20.78 -3.82
C3N NAP E . 9.56 -21.06 -2.59
C7N NAP E . 10.29 -21.88 -1.54
O7N NAP E . 11.48 -22.15 -1.70
N7N NAP E . 9.71 -22.25 -0.39
C4N NAP E . 8.30 -20.48 -2.33
C5N NAP E . 7.68 -19.69 -3.30
C6N NAP E . 8.32 -19.45 -4.52
P2B NAP E . 3.26 -13.42 -15.15
O1X NAP E . 3.95 -14.79 -15.08
O2X NAP E . 1.95 -13.44 -15.94
O3X NAP E . 4.15 -12.25 -15.53
O3 GBM F . 8.32 -23.89 -3.26
O4 GBM F . 5.10 -21.04 -3.68
O5 GBM F . 5.76 -21.30 -6.06
O6 GBM F . 2.53 -29.75 -4.89
CL1 GBM F . 0.96 -33.48 -8.76
S2 GBM F . 5.53 -21.86 -4.76
O7 GBM F . -0.52 -31.10 -3.61
N8 GBM F . 6.19 -23.67 -2.59
N9 GBM F . 6.98 -22.52 -4.45
N10 GBM F . 0.76 -28.59 -5.60
C11 GBM F . 6.30 -24.62 -1.49
C12 GBM F . 5.00 -25.32 -1.24
C13 GBM F . 6.77 -23.90 -0.26
C14 GBM F . 4.95 -25.91 0.18
C15 GBM F . 7.13 -24.88 0.84
C16 GBM F . 6.34 -26.15 0.74
C17 GBM F . 7.21 -23.40 -3.41
C18 GBM F . 4.39 -23.21 -4.91
C19 GBM F . 2.74 -25.45 -4.76
C20 GBM F . 1.88 -26.68 -4.58
C21 GBM F . 4.79 -24.40 -5.50
C22 GBM F . 3.16 -23.11 -4.29
C23 GBM F . 3.97 -25.51 -5.42
C24 GBM F . 2.35 -24.24 -4.22
C25 GBM F . 1.52 -27.37 -5.85
C26 GBM F . 1.38 -29.75 -5.32
C27 GBM F . 0.67 -31.02 -5.63
C28 GBM F . -0.16 -31.75 -4.77
C29 GBM F . 1.01 -31.58 -6.86
C30 GBM F . -0.60 -33.02 -5.13
C31 GBM F . 0.55 -32.83 -7.20
C32 GBM F . -0.25 -33.56 -6.35
C33 GBM F . -1.28 -31.78 -2.61
#